data_3I5I
#
_entry.id   3I5I
#
_cell.length_a   195.192
_cell.length_b   100.153
_cell.length_c   80.189
_cell.angle_alpha   90.00
_cell.angle_beta   105.45
_cell.angle_gamma   90.00
#
_symmetry.space_group_name_H-M   'C 1 2 1'
#
loop_
_entity.id
_entity.type
_entity.pdbx_description
1 polymer 'Myosin heavy chain isoform A'
2 polymer 'Myosin regulatory light chain LC-2, mantle muscle'
3 polymer 'Myosin catalytic light chain LC-1, mantle muscle'
4 non-polymer 'SULFATE ION'
5 non-polymer 'CALCIUM ION'
#
loop_
_entity_poly.entity_id
_entity_poly.type
_entity_poly.pdbx_seq_one_letter_code
_entity_poly.pdbx_strand_id
1 'polypeptide(L)'
;MTMDFSDPDMEFLCLTRQKLMEATSIPFDGKKNCWVPDPDFGFVGAEIQSTKGDEVTVKTDKTQETRVVKKDDIGQRNPP
KFEMNMDMANLTFLNEASILHNLRSRYESGFIYTYSGLFCIAINPYRRLPIYTQGLVDKYRGKRRAEMPPHLFSIADNAY
QYMLQDRENQSMLITGESGAGKTENTKKVIQYFALVAASLAGKKDKKEEEKKKDEKKGTLEDQIVQCNPVLEAYGNAKTT
RNNNSSRFGKFIRIHFGTQGKIAGADIETYLLEKSRVTYQQSAERNYHIFYQLLSPAFPENIEKILAVPDPGLYGFINQG
TLTVDGIDDEEEMGLTDTAFDVLGFTDEEKLSMYKCTGCILHLGEMKWKQRGEQAEADGTAEAEKVAFLLGVNAGDLLKC
LLKPKIKVGTEYVTQGRNKDQVTNSIAALAKSLYDRMFNWLVRRVNQTLDTKAKRQFFIGVLDIAGFEIFDFNSFEQLCI
NYTNERLQQFFNHHMFVLEQEEYKKEGIVWEFIDFGLDLQACIELIEKPMGILSILEEECMFPKASDTSFKNKLYDNHLG
KNPMFGKPKPPKAGCAEAHFCLHHYAGSVSYSIAGWLDKNKDPINENVVELLQNSKEPIVKMLFTPPRILTPGGKKKKGK
SAAFQTISSVHKESLNKLMKNLYSTHPHFVRCIIPNELKTPGLIDAALVLHQLRCNGVLEGIRICRKGFPNRIIYSEFKQ
RYSILAPNAVPSGFADGKVVTDKALSALQLDPNEYRLGNTKVFFKAGVLGMLEDMRDERLSKIISMFQAHIRGYLMRKAY
KKLQDQRIGLTLIQRNVRKWLVLRNWEWWRLFNKVKPLL
;
A
2 'polypeptide(L)'
;AEEAPRRVKLSQRQMQELKEAFTMIDQDRDGFIGMEDLKDMFSSLGRVPPDDELNAMLKECPGQLNFTAFLTLFGEKVSG
TDPEDALRNAFSMFDEDGQGFIPEDYLKDLLENMGDNFSKEEIKNVWKDAPLKNKQFNYNKMVDIKGKAEDED
;
B
3 'polypeptide(L)'
;SQLTKDEIEEVREVFDLFDFWDGRDGDVDAAKVGDLLRCLGMNPTEAQVHQHGGTKKMGEKAYKLEEILPIYEEMSSKDT
GTAADEFMEAFKTFDREGQGLISSAEIRNVLKMLGERITEDQCNDIFTFCDIREDIDGNIKYEDLMKKVMAGPFPDKSD
;
C
#
loop_
_chem_comp.id
_chem_comp.type
_chem_comp.name
_chem_comp.formula
CA non-polymer 'CALCIUM ION' 'Ca 2'
SO4 non-polymer 'SULFATE ION' 'O4 S -2'
#
# COMPACT_ATOMS: atom_id res chain seq x y z
N MET A 1 -17.56 8.09 5.93
CA MET A 1 -17.73 8.68 4.57
C MET A 1 -18.13 10.16 4.65
N THR A 2 -18.40 10.72 3.47
CA THR A 2 -18.80 12.11 3.19
C THR A 2 -17.88 12.63 2.12
N MET A 3 -17.32 11.68 1.38
CA MET A 3 -16.42 12.02 0.31
C MET A 3 -16.90 11.60 -1.05
N ASP A 4 -16.73 12.49 -2.00
CA ASP A 4 -17.05 12.19 -3.36
C ASP A 4 -15.68 12.38 -3.89
N PHE A 5 -15.07 11.32 -4.40
CA PHE A 5 -13.73 11.44 -4.93
C PHE A 5 -13.78 12.36 -6.12
N SER A 6 -14.76 13.25 -6.11
CA SER A 6 -14.90 14.17 -7.21
C SER A 6 -15.00 15.63 -6.87
N ASP A 7 -15.58 16.02 -5.73
CA ASP A 7 -15.68 17.45 -5.40
C ASP A 7 -14.31 18.02 -5.66
N PRO A 8 -14.08 18.52 -6.89
CA PRO A 8 -12.85 19.11 -7.43
C PRO A 8 -11.85 19.64 -6.41
N ASP A 9 -12.34 20.02 -5.23
CA ASP A 9 -11.48 20.49 -4.16
C ASP A 9 -10.60 19.35 -3.67
N MET A 10 -11.17 18.14 -3.66
CA MET A 10 -10.47 16.93 -3.24
C MET A 10 -9.36 16.55 -4.22
N GLU A 11 -9.18 17.34 -5.26
CA GLU A 11 -8.17 16.99 -6.24
C GLU A 11 -6.85 16.72 -5.57
N PHE A 12 -6.64 17.32 -4.40
CA PHE A 12 -5.36 17.13 -3.72
C PHE A 12 -5.32 16.35 -2.43
N LEU A 13 -6.48 15.96 -1.92
CA LEU A 13 -6.50 15.17 -0.71
C LEU A 13 -6.84 13.74 -1.08
N CYS A 14 -7.86 13.63 -1.91
CA CYS A 14 -8.43 12.37 -2.36
C CYS A 14 -7.75 11.34 -3.23
N LEU A 15 -7.85 11.55 -4.53
CA LEU A 15 -7.36 10.64 -5.58
C LEU A 15 -8.70 10.03 -5.93
N THR A 16 -9.10 10.13 -7.19
CA THR A 16 -10.41 9.66 -7.61
C THR A 16 -10.59 8.17 -7.86
N ARG A 17 -11.84 7.71 -7.70
CA ARG A 17 -12.22 6.32 -7.89
C ARG A 17 -11.40 5.65 -9.00
N GLN A 18 -11.56 6.15 -10.23
CA GLN A 18 -10.82 5.60 -11.35
C GLN A 18 -9.33 5.57 -10.97
N LYS A 19 -8.82 6.70 -10.51
CA LYS A 19 -7.41 6.79 -10.14
C LYS A 19 -6.98 5.79 -9.04
N LEU A 20 -7.86 5.55 -8.09
CA LEU A 20 -7.57 4.64 -7.00
C LEU A 20 -7.59 3.21 -7.50
N MET A 21 -8.66 2.84 -8.20
CA MET A 21 -8.79 1.50 -8.76
C MET A 21 -7.55 1.30 -9.59
N GLU A 22 -7.12 2.39 -10.22
CA GLU A 22 -5.93 2.37 -11.05
C GLU A 22 -4.71 2.02 -10.23
N ALA A 23 -4.52 2.75 -9.13
CA ALA A 23 -3.38 2.49 -8.28
C ALA A 23 -3.53 1.15 -7.54
N THR A 24 -4.76 0.82 -7.19
CA THR A 24 -5.08 -0.40 -6.46
C THR A 24 -4.95 -1.68 -7.28
N SER A 25 -4.82 -1.59 -8.61
CA SER A 25 -4.76 -2.80 -9.43
C SER A 25 -3.48 -3.12 -10.19
N ILE A 26 -2.46 -2.28 -10.09
CA ILE A 26 -1.21 -2.55 -10.80
C ILE A 26 -0.77 -3.98 -10.52
N PRO A 27 0.25 -4.46 -11.26
CA PRO A 27 0.77 -5.82 -11.12
C PRO A 27 1.45 -6.10 -9.77
N PHE A 28 1.50 -7.38 -9.38
CA PHE A 28 2.13 -7.74 -8.11
C PHE A 28 2.30 -9.24 -7.83
N ASP A 29 3.34 -9.57 -7.07
CA ASP A 29 3.60 -10.94 -6.70
C ASP A 29 4.22 -10.94 -5.32
N GLY A 30 3.70 -11.79 -4.45
CA GLY A 30 4.20 -11.84 -3.10
C GLY A 30 5.41 -12.71 -2.90
N LYS A 31 5.71 -13.58 -3.85
CA LYS A 31 6.86 -14.44 -3.70
C LYS A 31 8.09 -13.77 -4.31
N LYS A 32 7.90 -12.58 -4.89
CA LYS A 32 9.02 -11.89 -5.54
C LYS A 32 9.16 -10.35 -5.47
N ASN A 33 8.06 -9.58 -5.57
CA ASN A 33 8.15 -8.12 -5.50
C ASN A 33 8.64 -7.69 -4.13
N CYS A 34 9.46 -6.64 -4.05
CA CYS A 34 9.93 -6.23 -2.75
C CYS A 34 10.65 -4.91 -2.64
N TRP A 35 11.03 -4.62 -1.41
CA TRP A 35 11.75 -3.42 -1.04
C TRP A 35 13.23 -3.77 -0.93
N VAL A 36 14.07 -2.93 -1.52
CA VAL A 36 15.51 -3.15 -1.45
C VAL A 36 16.23 -1.83 -1.26
N PRO A 37 17.29 -1.83 -0.44
CA PRO A 37 18.11 -0.66 -0.13
C PRO A 37 18.81 -0.01 -1.33
N ASP A 38 18.71 1.30 -1.44
CA ASP A 38 19.31 2.01 -2.56
C ASP A 38 20.21 3.17 -2.14
N PRO A 39 21.52 3.06 -2.38
CA PRO A 39 22.43 4.13 -2.01
C PRO A 39 21.91 5.52 -2.37
N ASP A 40 21.66 5.76 -3.65
CA ASP A 40 21.21 7.07 -4.13
C ASP A 40 19.87 7.53 -3.62
N PHE A 41 18.88 6.64 -3.63
CA PHE A 41 17.56 7.08 -3.20
C PHE A 41 16.74 6.19 -2.26
N GLY A 42 17.23 6.09 -1.03
CA GLY A 42 16.55 5.33 0.00
C GLY A 42 16.37 3.85 -0.19
N PHE A 43 15.12 3.47 -0.41
CA PHE A 43 14.79 2.08 -0.63
C PHE A 43 14.07 2.04 -1.96
N VAL A 44 14.37 1.00 -2.74
CA VAL A 44 13.77 0.85 -4.06
C VAL A 44 13.02 -0.47 -4.30
N GLY A 45 12.07 -0.46 -5.22
CA GLY A 45 11.31 -1.66 -5.51
C GLY A 45 12.04 -2.63 -6.41
N ALA A 46 11.91 -3.93 -6.12
CA ALA A 46 12.59 -4.98 -6.88
C ALA A 46 11.88 -6.34 -6.87
N GLU A 47 12.50 -7.31 -7.55
CA GLU A 47 12.00 -8.69 -7.68
C GLU A 47 13.12 -9.68 -7.32
N ILE A 48 12.79 -10.75 -6.60
CA ILE A 48 13.80 -11.74 -6.22
C ILE A 48 14.14 -12.77 -7.29
N GLN A 49 15.43 -12.87 -7.62
CA GLN A 49 15.89 -13.81 -8.63
C GLN A 49 16.18 -15.22 -8.15
N SER A 50 17.27 -15.37 -7.41
CA SER A 50 17.68 -16.67 -6.89
C SER A 50 18.11 -16.50 -5.46
N THR A 51 17.97 -17.57 -4.70
CA THR A 51 18.36 -17.60 -3.31
C THR A 51 19.48 -18.65 -3.26
N LYS A 52 20.03 -18.87 -2.07
CA LYS A 52 21.09 -19.83 -1.84
C LYS A 52 21.81 -19.33 -0.60
N GLY A 53 21.90 -20.16 0.43
CA GLY A 53 22.56 -19.74 1.65
C GLY A 53 21.95 -18.42 2.09
N ASP A 54 22.78 -17.56 2.67
CA ASP A 54 22.36 -16.23 3.13
C ASP A 54 22.94 -15.22 2.14
N GLU A 55 22.28 -15.05 1.01
CA GLU A 55 22.76 -14.14 -0.03
C GLU A 55 21.75 -14.20 -1.15
N VAL A 56 20.83 -13.25 -1.19
CA VAL A 56 19.80 -13.25 -2.23
C VAL A 56 20.15 -12.41 -3.44
N THR A 57 19.64 -12.83 -4.59
CA THR A 57 19.86 -12.14 -5.83
C THR A 57 18.56 -11.46 -6.21
N VAL A 58 18.66 -10.23 -6.70
CA VAL A 58 17.46 -9.50 -7.08
C VAL A 58 17.68 -8.65 -8.32
N LYS A 59 16.57 -8.22 -8.91
CA LYS A 59 16.55 -7.36 -10.08
C LYS A 59 15.64 -6.22 -9.65
N THR A 60 16.06 -4.98 -9.89
CA THR A 60 15.23 -3.84 -9.47
C THR A 60 14.29 -3.33 -10.55
N ASP A 61 13.25 -2.60 -10.15
CA ASP A 61 12.27 -2.07 -11.10
C ASP A 61 12.82 -0.95 -11.99
N LYS A 62 12.46 0.30 -11.65
CA LYS A 62 12.86 1.54 -12.37
C LYS A 62 14.24 1.76 -12.99
N THR A 63 15.06 0.73 -13.12
CA THR A 63 16.38 0.99 -13.69
C THR A 63 16.96 -0.32 -14.17
N GLN A 64 16.45 -1.39 -13.58
CA GLN A 64 16.96 -2.70 -13.88
C GLN A 64 18.35 -2.63 -13.35
N GLU A 65 18.80 -3.73 -12.77
CA GLU A 65 20.11 -3.81 -12.18
C GLU A 65 19.97 -5.00 -11.28
N THR A 66 20.79 -6.01 -11.51
CA THR A 66 20.76 -7.18 -10.67
C THR A 66 21.79 -6.98 -9.59
N ARG A 67 21.33 -6.72 -8.37
CA ARG A 67 22.22 -6.51 -7.24
C ARG A 67 22.15 -7.78 -6.39
N VAL A 68 23.12 -7.94 -5.49
CA VAL A 68 23.15 -9.08 -4.58
C VAL A 68 22.94 -8.48 -3.19
N VAL A 69 21.69 -8.48 -2.76
CA VAL A 69 21.34 -7.96 -1.44
C VAL A 69 21.28 -9.13 -0.50
N LYS A 70 21.52 -8.86 0.78
CA LYS A 70 21.50 -9.91 1.78
C LYS A 70 20.08 -10.28 2.19
N LYS A 71 19.97 -11.42 2.87
CA LYS A 71 18.69 -11.91 3.34
C LYS A 71 17.98 -10.91 4.22
N ASP A 72 18.63 -10.40 5.26
CA ASP A 72 17.96 -9.44 6.13
C ASP A 72 18.06 -8.03 5.57
N ASP A 73 17.86 -7.90 4.26
CA ASP A 73 17.90 -6.61 3.60
C ASP A 73 16.83 -6.57 2.52
N ILE A 74 16.18 -7.72 2.31
CA ILE A 74 15.09 -7.79 1.35
C ILE A 74 13.85 -7.34 2.13
N GLY A 75 13.23 -6.23 1.71
CA GLY A 75 12.07 -5.75 2.43
C GLY A 75 10.78 -6.23 1.80
N GLN A 76 9.93 -6.86 2.60
CA GLN A 76 8.65 -7.32 2.13
C GLN A 76 7.89 -6.07 1.75
N ARG A 77 7.47 -5.99 0.50
CA ARG A 77 6.74 -4.83 0.06
C ARG A 77 5.25 -5.11 0.25
N ASN A 78 4.47 -4.04 0.42
CA ASN A 78 3.03 -4.17 0.61
C ASN A 78 2.30 -4.34 -0.70
N PRO A 79 1.21 -5.14 -0.70
CA PRO A 79 0.43 -5.37 -1.92
C PRO A 79 -0.38 -4.16 -2.36
N PRO A 80 -0.83 -4.15 -3.62
CA PRO A 80 -1.62 -3.06 -4.22
C PRO A 80 -2.77 -2.45 -3.42
N LYS A 81 -3.52 -3.26 -2.69
CA LYS A 81 -4.64 -2.74 -1.91
C LYS A 81 -4.16 -1.56 -1.04
N PHE A 82 -2.86 -1.52 -0.77
CA PHE A 82 -2.26 -0.51 0.09
C PHE A 82 -1.66 0.75 -0.53
N GLU A 83 -1.63 0.84 -1.86
CA GLU A 83 -1.07 2.01 -2.54
C GLU A 83 -1.87 3.27 -2.28
N MET A 84 -1.17 4.39 -2.10
CA MET A 84 -1.81 5.69 -1.82
C MET A 84 -2.55 5.60 -0.51
N ASN A 85 -2.22 4.56 0.26
CA ASN A 85 -2.85 4.36 1.56
C ASN A 85 -2.90 5.65 2.38
N MET A 86 -3.98 5.83 3.13
CA MET A 86 -4.17 7.02 3.93
C MET A 86 -3.57 7.03 5.34
N ASP A 87 -3.51 5.89 6.00
CA ASP A 87 -2.94 5.84 7.34
C ASP A 87 -2.00 4.64 7.36
N MET A 88 -0.71 4.91 7.50
CA MET A 88 0.29 3.86 7.47
C MET A 88 0.19 2.87 8.59
N ALA A 89 -0.70 3.13 9.55
CA ALA A 89 -0.90 2.22 10.67
C ALA A 89 -1.51 0.97 10.08
N ASN A 90 -2.35 1.20 9.08
CA ASN A 90 -3.06 0.15 8.35
C ASN A 90 -2.17 -0.67 7.43
N LEU A 91 -0.95 -0.20 7.18
CA LEU A 91 -0.04 -0.95 6.30
C LEU A 91 0.18 -2.35 6.87
N THR A 92 0.32 -3.34 6.01
CA THR A 92 0.54 -4.69 6.51
C THR A 92 2.01 -5.00 6.72
N PHE A 93 2.88 -4.29 6.03
CA PHE A 93 4.31 -4.50 6.26
C PHE A 93 4.68 -3.13 6.74
N LEU A 94 5.18 -3.05 7.96
CA LEU A 94 5.50 -1.76 8.53
C LEU A 94 6.97 -1.41 8.63
N ASN A 95 7.72 -1.64 7.56
CA ASN A 95 9.14 -1.34 7.61
C ASN A 95 9.46 0.03 7.06
N GLU A 96 10.72 0.45 7.31
CA GLU A 96 11.19 1.75 6.86
C GLU A 96 10.84 1.92 5.41
N ALA A 97 11.36 1.00 4.59
CA ALA A 97 11.12 0.98 3.16
C ALA A 97 9.68 1.34 2.93
N SER A 98 8.80 0.51 3.48
CA SER A 98 7.36 0.72 3.35
C SER A 98 6.85 2.05 3.83
N ILE A 99 7.41 2.61 4.90
CA ILE A 99 6.92 3.91 5.34
C ILE A 99 7.39 4.96 4.36
N LEU A 100 8.57 4.73 3.80
CA LEU A 100 9.12 5.65 2.82
C LEU A 100 8.20 5.73 1.63
N HIS A 101 7.84 4.55 1.13
CA HIS A 101 6.96 4.45 -0.02
C HIS A 101 5.63 5.19 0.12
N ASN A 102 4.77 4.67 0.97
CA ASN A 102 3.47 5.26 1.21
C ASN A 102 3.56 6.79 1.21
N LEU A 103 4.49 7.33 1.98
CA LEU A 103 4.65 8.79 2.03
C LEU A 103 5.10 9.38 0.70
N ARG A 104 6.07 8.73 0.06
CA ARG A 104 6.58 9.24 -1.21
C ARG A 104 5.48 9.22 -2.25
N SER A 105 5.08 8.02 -2.65
CA SER A 105 4.03 7.86 -3.65
C SER A 105 2.82 8.78 -3.42
N ARG A 106 2.64 9.32 -2.22
CA ARG A 106 1.55 10.23 -2.00
C ARG A 106 1.95 11.69 -2.22
N TYR A 107 3.22 11.99 -2.00
CA TYR A 107 3.71 13.35 -2.21
C TYR A 107 3.86 13.51 -3.70
N GLU A 108 4.29 12.42 -4.35
CA GLU A 108 4.50 12.39 -5.80
C GLU A 108 3.24 12.31 -6.67
N SER A 109 2.08 12.44 -6.04
CA SER A 109 0.81 12.42 -6.76
C SER A 109 0.03 13.59 -6.19
N GLY A 110 0.78 14.58 -5.70
CA GLY A 110 0.15 15.77 -5.15
C GLY A 110 -0.34 15.75 -3.71
N PHE A 111 -0.27 14.62 -3.02
CA PHE A 111 -0.76 14.57 -1.67
C PHE A 111 0.34 14.82 -0.65
N ILE A 112 0.15 15.83 0.18
CA ILE A 112 1.11 16.21 1.20
C ILE A 112 0.81 15.61 2.57
N TYR A 113 -0.36 14.98 2.69
CA TYR A 113 -0.83 14.40 3.94
C TYR A 113 -0.91 12.87 4.05
N THR A 114 -0.45 12.32 5.17
CA THR A 114 -0.49 10.88 5.36
C THR A 114 -0.45 10.56 6.83
N TYR A 115 -1.54 9.99 7.32
CA TYR A 115 -1.60 9.63 8.72
C TYR A 115 -0.78 8.38 9.04
N SER A 116 -0.23 8.38 10.24
CA SER A 116 0.54 7.26 10.73
C SER A 116 0.17 7.29 12.20
N GLY A 117 -0.69 6.34 12.58
CA GLY A 117 -1.19 6.25 13.94
C GLY A 117 -1.74 7.61 14.31
N LEU A 118 -1.53 8.00 15.56
CA LEU A 118 -1.95 9.28 16.06
C LEU A 118 -1.41 10.45 15.20
N PHE A 119 -0.20 10.31 14.68
CA PHE A 119 0.42 11.38 13.88
C PHE A 119 -0.34 11.78 12.63
N CYS A 120 -0.13 13.03 12.23
CA CYS A 120 -0.70 13.55 11.00
C CYS A 120 0.52 14.09 10.30
N ILE A 121 1.04 13.35 9.34
CA ILE A 121 2.21 13.83 8.63
C ILE A 121 1.78 14.79 7.53
N ALA A 122 2.61 15.81 7.29
CA ALA A 122 2.33 16.82 6.27
C ALA A 122 3.63 17.28 5.65
N ILE A 123 3.82 16.99 4.36
CA ILE A 123 5.04 17.38 3.68
C ILE A 123 4.93 18.75 3.00
N ASN A 124 6.06 19.44 2.85
CA ASN A 124 6.05 20.73 2.19
C ASN A 124 5.86 20.57 0.70
N PRO A 125 4.80 21.16 0.15
CA PRO A 125 4.59 21.01 -1.29
C PRO A 125 5.35 22.10 -2.03
N TYR A 126 5.73 23.16 -1.32
CA TYR A 126 6.43 24.29 -1.91
C TYR A 126 5.65 24.80 -3.12
N ARG A 127 4.50 25.40 -2.82
CA ARG A 127 3.58 25.95 -3.81
C ARG A 127 2.23 26.06 -3.13
N ARG A 128 1.44 27.06 -3.48
CA ARG A 128 0.13 27.15 -2.86
C ARG A 128 -0.67 26.02 -3.47
N LEU A 129 -1.59 25.47 -2.69
CA LEU A 129 -2.47 24.40 -3.11
C LEU A 129 -3.81 24.85 -2.54
N PRO A 130 -4.92 24.41 -3.13
CA PRO A 130 -6.26 24.79 -2.67
C PRO A 130 -6.62 24.54 -1.22
N ILE A 131 -6.12 23.42 -0.69
CA ILE A 131 -6.33 22.95 0.68
C ILE A 131 -7.00 23.78 1.76
N TYR A 132 -6.87 25.11 1.74
CA TYR A 132 -7.47 25.89 2.82
C TYR A 132 -8.67 26.77 2.47
N THR A 133 -9.76 26.14 2.05
CA THR A 133 -10.99 26.86 1.72
C THR A 133 -11.96 26.81 2.89
N GLN A 134 -12.87 27.78 2.95
CA GLN A 134 -13.85 27.84 4.02
C GLN A 134 -14.97 26.92 3.65
N GLY A 135 -14.91 26.44 2.42
CA GLY A 135 -15.90 25.51 1.94
C GLY A 135 -15.45 24.14 2.42
N LEU A 136 -14.15 23.88 2.35
CA LEU A 136 -13.59 22.62 2.81
C LEU A 136 -13.76 22.62 4.30
N VAL A 137 -13.39 23.72 4.92
CA VAL A 137 -13.55 23.88 6.36
C VAL A 137 -14.86 23.21 6.79
N ASP A 138 -15.91 23.45 6.01
CA ASP A 138 -17.21 22.86 6.31
C ASP A 138 -17.29 21.38 5.93
N LYS A 139 -16.45 20.95 4.98
CA LYS A 139 -16.41 19.55 4.59
C LYS A 139 -15.74 18.84 5.76
N TYR A 140 -15.06 19.60 6.60
CA TYR A 140 -14.35 19.03 7.74
C TYR A 140 -14.97 19.26 9.08
N ARG A 141 -15.70 20.36 9.18
CA ARG A 141 -16.35 20.77 10.41
C ARG A 141 -17.18 19.66 11.05
N GLY A 142 -16.85 19.37 12.31
CA GLY A 142 -17.59 18.37 13.07
C GLY A 142 -17.43 16.89 12.74
N LYS A 143 -16.59 16.58 11.76
CA LYS A 143 -16.38 15.19 11.38
C LYS A 143 -15.26 14.45 12.14
N ARG A 144 -15.49 13.17 12.38
CA ARG A 144 -14.49 12.36 13.07
C ARG A 144 -13.57 11.85 11.96
N ARG A 145 -12.29 11.86 12.25
CA ARG A 145 -11.27 11.48 11.31
C ARG A 145 -11.50 10.51 10.16
N ALA A 146 -12.24 9.43 10.35
CA ALA A 146 -12.42 8.49 9.24
C ALA A 146 -13.34 9.01 8.13
N GLU A 147 -14.27 9.90 8.50
CA GLU A 147 -15.23 10.46 7.56
C GLU A 147 -14.60 11.19 6.38
N MET A 148 -13.45 11.80 6.60
CA MET A 148 -12.78 12.55 5.54
C MET A 148 -11.36 12.01 5.36
N PRO A 149 -10.63 12.51 4.34
CA PRO A 149 -9.26 12.05 4.11
C PRO A 149 -8.33 12.86 4.98
N PRO A 150 -7.05 12.50 5.00
CA PRO A 150 -6.06 13.22 5.81
C PRO A 150 -6.02 14.72 5.55
N HIS A 151 -6.03 15.51 6.61
CA HIS A 151 -5.99 16.95 6.48
C HIS A 151 -5.65 17.59 7.81
N LEU A 152 -4.83 18.63 7.80
CA LEU A 152 -4.45 19.30 9.03
C LEU A 152 -5.71 19.72 9.78
N PHE A 153 -6.74 20.09 9.05
CA PHE A 153 -7.99 20.51 9.69
C PHE A 153 -8.63 19.41 10.54
N SER A 154 -8.51 18.16 10.12
CA SER A 154 -9.12 17.06 10.86
C SER A 154 -8.58 17.03 12.29
N ILE A 155 -7.27 17.24 12.48
CA ILE A 155 -6.72 17.24 13.82
C ILE A 155 -7.08 18.44 14.65
N ALA A 156 -7.58 19.49 14.02
CA ALA A 156 -7.95 20.64 14.84
C ALA A 156 -9.42 20.60 15.24
N ASP A 157 -10.28 20.18 14.31
CA ASP A 157 -11.68 20.14 14.64
C ASP A 157 -11.80 19.14 15.76
N ASN A 158 -11.03 18.06 15.67
CA ASN A 158 -11.09 17.05 16.71
C ASN A 158 -10.51 17.58 18.02
N ALA A 159 -9.38 18.26 17.92
CA ALA A 159 -8.76 18.84 19.09
C ALA A 159 -9.80 19.77 19.69
N TYR A 160 -10.59 20.38 18.81
CA TYR A 160 -11.63 21.31 19.22
C TYR A 160 -12.82 20.59 19.86
N GLN A 161 -13.29 19.53 19.22
CA GLN A 161 -14.42 18.80 19.77
C GLN A 161 -14.07 18.21 21.12
N TYR A 162 -12.88 17.62 21.21
CA TYR A 162 -12.45 17.03 22.46
C TYR A 162 -12.49 18.07 23.56
N MET A 163 -12.00 19.27 23.26
CA MET A 163 -12.01 20.35 24.25
C MET A 163 -13.43 20.49 24.77
N LEU A 164 -14.42 20.23 23.92
CA LEU A 164 -15.81 20.33 24.35
C LEU A 164 -16.40 19.04 24.93
N GLN A 165 -16.07 17.90 24.32
CA GLN A 165 -16.58 16.61 24.77
C GLN A 165 -16.07 16.22 26.14
N ASP A 166 -14.80 16.52 26.39
CA ASP A 166 -14.22 16.15 27.66
C ASP A 166 -13.82 17.34 28.51
N ARG A 167 -14.17 18.54 28.05
CA ARG A 167 -13.85 19.75 28.81
C ARG A 167 -12.39 19.73 29.27
N GLU A 168 -11.50 19.33 28.37
CA GLU A 168 -10.07 19.25 28.67
C GLU A 168 -9.23 20.17 27.84
N ASN A 169 -8.16 20.69 28.45
CA ASN A 169 -7.26 21.55 27.72
C ASN A 169 -6.61 20.67 26.66
N GLN A 170 -6.36 21.21 25.48
CA GLN A 170 -5.77 20.40 24.44
C GLN A 170 -4.45 21.01 24.04
N SER A 171 -3.57 20.18 23.49
CA SER A 171 -2.27 20.65 23.04
C SER A 171 -1.98 20.07 21.67
N MET A 172 -1.24 20.81 20.86
CA MET A 172 -0.86 20.33 19.56
C MET A 172 0.63 20.47 19.52
N LEU A 173 1.30 19.33 19.41
CA LEU A 173 2.74 19.32 19.37
C LEU A 173 3.15 19.19 17.92
N ILE A 174 3.76 20.24 17.37
CA ILE A 174 4.19 20.19 15.97
C ILE A 174 5.71 20.20 15.82
N THR A 175 6.23 19.42 14.88
CA THR A 175 7.68 19.36 14.66
C THR A 175 8.05 19.74 13.23
N GLY A 176 9.33 19.64 12.91
CA GLY A 176 9.79 19.96 11.57
C GLY A 176 10.66 21.21 11.51
N GLU A 177 11.82 21.08 10.86
CA GLU A 177 12.70 22.22 10.77
C GLU A 177 12.50 23.17 9.56
N SER A 178 13.54 23.97 9.30
CA SER A 178 13.57 24.97 8.25
C SER A 178 12.37 25.08 7.31
N GLY A 179 12.40 24.38 6.18
CA GLY A 179 11.29 24.46 5.25
C GLY A 179 10.31 23.34 5.46
N ALA A 180 9.37 23.53 6.36
CA ALA A 180 8.41 22.48 6.59
C ALA A 180 7.03 23.09 6.72
N GLY A 181 7.00 24.42 6.92
CA GLY A 181 5.72 25.08 7.04
C GLY A 181 5.24 24.99 8.46
N LYS A 182 6.11 24.53 9.36
CA LYS A 182 5.80 24.45 10.78
C LYS A 182 5.16 25.80 11.01
N THR A 183 5.58 26.77 10.20
CA THR A 183 5.07 28.12 10.27
C THR A 183 3.63 28.26 9.77
N GLU A 184 3.43 28.23 8.45
CA GLU A 184 2.08 28.35 7.92
C GLU A 184 1.17 27.51 8.79
N ASN A 185 1.56 26.25 8.97
CA ASN A 185 0.81 25.31 9.76
C ASN A 185 0.34 25.86 11.10
N THR A 186 1.24 26.34 11.94
CA THR A 186 0.78 26.85 13.21
C THR A 186 -0.21 27.95 12.90
N LYS A 187 0.09 28.76 11.88
CA LYS A 187 -0.81 29.83 11.49
C LYS A 187 -2.19 29.26 11.16
N LYS A 188 -2.23 28.41 10.14
CA LYS A 188 -3.47 27.80 9.68
C LYS A 188 -4.27 27.12 10.78
N VAL A 189 -3.60 26.69 11.85
CA VAL A 189 -4.34 26.06 12.94
C VAL A 189 -4.96 27.11 13.84
N ILE A 190 -4.27 28.22 14.08
CA ILE A 190 -4.87 29.25 14.91
C ILE A 190 -6.02 29.83 14.12
N GLN A 191 -5.84 29.92 12.80
CA GLN A 191 -6.89 30.44 11.92
C GLN A 191 -8.15 29.63 12.12
N TYR A 192 -8.05 28.35 11.82
CA TYR A 192 -9.16 27.43 11.92
C TYR A 192 -9.89 27.51 13.26
N PHE A 193 -9.16 27.52 14.37
CA PHE A 193 -9.85 27.60 15.65
C PHE A 193 -10.74 28.81 15.66
N ALA A 194 -10.36 29.80 14.86
CA ALA A 194 -11.15 31.03 14.77
C ALA A 194 -12.44 30.83 13.99
N LEU A 195 -12.32 30.36 12.75
CA LEU A 195 -13.49 30.16 11.91
C LEU A 195 -14.58 29.37 12.63
N VAL A 196 -14.18 28.37 13.42
CA VAL A 196 -15.17 27.58 14.13
C VAL A 196 -15.85 28.31 15.27
N ALA A 197 -15.48 29.56 15.51
CA ALA A 197 -16.13 30.28 16.60
C ALA A 197 -17.46 30.85 16.13
N ALA A 198 -17.72 30.73 14.82
CA ALA A 198 -18.98 31.20 14.21
C ALA A 198 -19.86 29.97 14.08
N SER A 199 -19.23 28.86 14.36
CA SER A 199 -19.77 27.52 14.41
C SER A 199 -21.01 27.08 15.17
N LEU A 200 -21.64 27.94 15.95
CA LEU A 200 -22.81 27.52 16.71
C LEU A 200 -23.90 28.17 15.91
N ALA A 201 -24.24 27.47 14.82
CA ALA A 201 -25.24 27.83 13.80
C ALA A 201 -25.89 29.20 13.91
N GLY A 202 -25.07 30.21 14.19
CA GLY A 202 -25.54 31.57 14.33
C GLY A 202 -24.38 32.52 14.12
N LYS A 217 -8.77 45.91 13.95
CA LYS A 217 -7.58 45.98 14.78
C LYS A 217 -6.83 44.65 14.91
N GLY A 218 -7.17 43.69 14.06
CA GLY A 218 -6.48 42.43 14.13
C GLY A 218 -7.26 41.12 14.23
N THR A 219 -6.91 40.17 13.37
CA THR A 219 -7.51 38.86 13.38
C THR A 219 -6.62 38.13 14.35
N LEU A 220 -7.08 37.01 14.90
CA LEU A 220 -6.26 36.25 15.83
C LEU A 220 -4.92 35.88 15.17
N GLU A 221 -4.99 35.23 14.02
CA GLU A 221 -3.77 34.86 13.32
C GLU A 221 -2.84 36.05 13.29
N ASP A 222 -3.37 37.24 13.00
CA ASP A 222 -2.54 38.43 12.91
C ASP A 222 -2.07 39.09 14.20
N GLN A 223 -2.92 39.16 15.22
CA GLN A 223 -2.48 39.78 16.47
C GLN A 223 -1.33 38.98 17.03
N ILE A 224 -1.26 37.72 16.62
CA ILE A 224 -0.22 36.81 17.08
C ILE A 224 0.96 36.76 16.14
N VAL A 225 0.72 36.87 14.84
CA VAL A 225 1.81 36.86 13.86
C VAL A 225 2.58 38.18 14.01
N GLN A 226 1.90 39.17 14.56
CA GLN A 226 2.52 40.47 14.76
C GLN A 226 3.74 40.35 15.66
N CYS A 227 3.65 39.52 16.69
CA CYS A 227 4.74 39.35 17.64
C CYS A 227 5.94 38.55 17.14
N ASN A 228 5.68 37.55 16.30
CA ASN A 228 6.75 36.69 15.80
C ASN A 228 8.02 37.37 15.28
N PRO A 229 7.96 38.68 14.98
CA PRO A 229 9.24 39.26 14.53
C PRO A 229 10.13 39.53 15.73
N VAL A 230 9.57 40.20 16.74
CA VAL A 230 10.32 40.50 17.95
C VAL A 230 10.84 39.28 18.73
N LEU A 231 9.99 38.28 18.94
CA LEU A 231 10.40 37.07 19.64
C LEU A 231 11.51 36.42 18.82
N GLU A 232 11.40 36.52 17.51
CA GLU A 232 12.40 35.92 16.66
C GLU A 232 13.77 36.57 16.74
N ALA A 233 13.81 37.89 16.92
CA ALA A 233 15.08 38.58 17.01
C ALA A 233 15.84 38.15 18.26
N TYR A 234 15.12 37.97 19.35
CA TYR A 234 15.77 37.56 20.60
C TYR A 234 15.82 36.06 20.83
N GLY A 235 15.00 35.30 20.12
CA GLY A 235 14.97 33.86 20.33
C GLY A 235 15.41 32.96 19.20
N ASN A 236 15.65 33.54 18.03
CA ASN A 236 16.09 32.74 16.92
C ASN A 236 17.52 33.10 16.56
N ALA A 237 18.15 32.27 15.74
CA ALA A 237 19.54 32.49 15.32
C ALA A 237 19.99 31.38 14.36
N LYS A 238 21.18 31.56 13.78
CA LYS A 238 21.72 30.56 12.87
C LYS A 238 22.37 29.43 13.64
N THR A 239 22.22 28.24 13.08
CA THR A 239 22.84 27.06 13.65
C THR A 239 23.43 26.25 12.50
N THR A 240 24.65 25.79 12.68
CA THR A 240 25.34 24.97 11.69
C THR A 240 24.40 24.57 10.55
N ARG A 241 23.33 23.87 10.90
CA ARG A 241 22.37 23.37 9.92
C ARG A 241 21.03 24.09 9.71
N ASN A 242 20.89 25.33 10.18
CA ASN A 242 19.64 26.07 10.00
C ASN A 242 19.85 27.59 10.09
N ASN A 243 19.37 28.32 9.09
CA ASN A 243 19.50 29.78 9.03
C ASN A 243 18.69 30.56 10.05
N ASN A 244 17.61 29.98 10.53
CA ASN A 244 16.80 30.71 11.50
C ASN A 244 16.22 29.68 12.47
N SER A 245 16.94 29.40 13.54
CA SER A 245 16.45 28.43 14.50
C SER A 245 15.97 29.07 15.79
N SER A 246 14.71 28.81 16.11
CA SER A 246 14.12 29.29 17.33
C SER A 246 14.84 28.52 18.40
N ARG A 247 15.58 29.22 19.25
CA ARG A 247 16.30 28.53 20.30
C ARG A 247 15.55 28.56 21.61
N PHE A 248 14.24 28.51 21.52
CA PHE A 248 13.39 28.50 22.70
C PHE A 248 12.15 27.76 22.31
N GLY A 249 11.33 27.36 23.27
CA GLY A 249 10.13 26.66 22.89
C GLY A 249 8.94 27.52 23.16
N LYS A 250 8.06 27.67 22.16
CA LYS A 250 6.90 28.45 22.45
C LYS A 250 5.63 27.62 22.28
N PHE A 251 4.71 27.96 23.18
CA PHE A 251 3.44 27.31 23.28
C PHE A 251 2.45 28.45 23.14
N ILE A 252 1.71 28.48 22.03
CA ILE A 252 0.72 29.52 21.79
C ILE A 252 -0.59 28.94 22.27
N ARG A 253 -1.13 29.48 23.36
CA ARG A 253 -2.36 28.97 23.89
C ARG A 253 -3.56 29.78 23.45
N ILE A 254 -4.41 29.16 22.65
CA ILE A 254 -5.60 29.82 22.14
C ILE A 254 -6.76 29.45 23.00
N HIS A 255 -7.32 30.41 23.71
CA HIS A 255 -8.41 30.11 24.62
C HIS A 255 -9.85 30.03 24.08
N PHE A 256 -10.76 29.50 24.90
CA PHE A 256 -12.17 29.36 24.53
C PHE A 256 -13.10 29.46 25.74
N GLY A 257 -14.33 29.91 25.47
CA GLY A 257 -15.34 30.02 26.51
C GLY A 257 -16.16 28.74 26.51
N THR A 258 -17.03 28.56 27.50
CA THR A 258 -17.83 27.34 27.55
C THR A 258 -18.68 27.00 26.31
N GLN A 259 -18.85 27.92 25.38
CA GLN A 259 -19.63 27.59 24.19
C GLN A 259 -18.74 27.24 22.99
N GLY A 260 -17.43 27.10 23.23
CA GLY A 260 -16.55 26.79 22.12
C GLY A 260 -16.16 28.07 21.43
N LYS A 261 -16.49 29.15 22.12
CA LYS A 261 -16.26 30.52 21.69
C LYS A 261 -14.80 30.93 21.92
N ILE A 262 -14.14 31.45 20.89
CA ILE A 262 -12.75 31.89 21.02
C ILE A 262 -12.71 33.05 22.00
N ALA A 263 -11.89 32.93 23.04
CA ALA A 263 -11.86 34.00 24.01
C ALA A 263 -10.52 34.64 24.35
N GLY A 264 -9.47 34.27 23.63
CA GLY A 264 -8.17 34.85 23.88
C GLY A 264 -6.98 34.02 23.46
N ALA A 265 -5.80 34.52 23.78
CA ALA A 265 -4.55 33.85 23.47
C ALA A 265 -3.45 34.46 24.32
N ASP A 266 -2.37 33.73 24.45
CA ASP A 266 -1.24 34.19 25.21
C ASP A 266 -0.15 33.23 24.85
N ILE A 267 1.08 33.58 25.21
CA ILE A 267 2.22 32.76 24.83
C ILE A 267 3.11 32.42 26.03
N GLU A 268 3.41 31.13 26.19
CA GLU A 268 4.29 30.66 27.27
C GLU A 268 5.61 30.29 26.60
N THR A 269 6.75 30.63 27.18
CA THR A 269 8.02 30.26 26.55
C THR A 269 8.80 29.32 27.46
N TYR A 270 9.53 28.41 26.84
CA TYR A 270 10.30 27.45 27.58
C TYR A 270 11.70 27.26 27.00
N LEU A 271 12.61 26.92 27.90
CA LEU A 271 13.99 26.62 27.54
C LEU A 271 14.68 27.56 26.55
N LEU A 272 14.87 28.82 26.93
CA LEU A 272 15.57 29.74 26.04
C LEU A 272 17.01 29.33 26.11
N GLU A 273 17.70 29.24 24.99
CA GLU A 273 19.10 28.80 25.08
C GLU A 273 20.07 29.90 25.50
N LYS A 274 20.19 30.11 26.82
CA LYS A 274 21.08 31.12 27.38
C LYS A 274 22.44 31.04 26.72
N SER A 275 23.24 30.10 27.18
CA SER A 275 24.59 29.84 26.68
C SER A 275 24.99 30.65 25.44
N ARG A 276 24.21 30.53 24.37
CA ARG A 276 24.52 31.24 23.13
C ARG A 276 24.91 32.69 23.35
N VAL A 277 24.34 33.32 24.38
CA VAL A 277 24.61 34.71 24.69
C VAL A 277 26.10 35.03 24.87
N THR A 278 26.89 34.01 25.17
CA THR A 278 28.31 34.22 25.35
C THR A 278 29.18 33.19 24.66
N TYR A 279 28.63 32.48 23.66
CA TYR A 279 29.37 31.43 22.96
C TYR A 279 28.93 31.04 21.54
N GLN A 280 29.89 31.03 20.62
CA GLN A 280 29.60 30.61 19.24
C GLN A 280 30.41 29.42 18.67
N GLN A 281 29.74 28.61 17.85
CA GLN A 281 30.34 27.42 17.24
C GLN A 281 30.78 27.52 15.78
N SER A 282 31.80 28.32 15.48
CA SER A 282 32.29 28.42 14.11
C SER A 282 31.26 28.97 13.14
N ALA A 283 30.40 28.08 12.67
CA ALA A 283 29.35 28.39 11.71
C ALA A 283 28.04 28.68 12.39
N GLU A 284 28.10 29.19 13.61
CA GLU A 284 26.89 29.55 14.29
C GLU A 284 26.95 31.03 14.59
N ARG A 285 26.01 31.53 15.38
CA ARG A 285 25.95 32.96 15.61
C ARG A 285 25.06 33.20 16.82
N ASN A 286 25.27 34.31 17.52
CA ASN A 286 24.44 34.60 18.69
C ASN A 286 23.08 34.93 18.10
N TYR A 287 22.11 35.25 18.94
CA TYR A 287 20.78 35.58 18.42
C TYR A 287 20.84 36.66 17.34
N HIS A 288 19.80 36.70 16.51
CA HIS A 288 19.73 37.66 15.40
C HIS A 288 19.83 39.13 15.78
N ILE A 289 19.06 39.53 16.78
CA ILE A 289 19.03 40.93 17.20
C ILE A 289 20.36 41.62 17.36
N PHE A 290 21.36 40.92 17.88
CA PHE A 290 22.66 41.54 18.07
C PHE A 290 23.22 42.08 16.78
N TYR A 291 23.14 41.28 15.74
CA TYR A 291 23.63 41.71 14.45
C TYR A 291 22.62 42.67 13.83
N GLN A 292 21.47 42.77 14.48
CA GLN A 292 20.40 43.66 14.04
C GLN A 292 20.59 45.10 14.53
N LEU A 293 20.66 45.28 15.86
CA LEU A 293 20.83 46.61 16.43
C LEU A 293 21.94 47.37 15.76
N LEU A 294 23.08 46.71 15.63
CA LEU A 294 24.25 47.30 15.01
C LEU A 294 24.17 47.40 13.47
N SER A 295 23.28 48.28 12.97
CA SER A 295 23.03 48.49 11.54
C SER A 295 22.63 49.94 11.20
N PRO A 296 22.36 50.25 9.91
CA PRO A 296 21.99 51.63 9.58
C PRO A 296 20.56 52.06 9.14
N ALA A 297 19.71 52.29 10.10
CA ALA A 297 18.37 52.79 9.82
C ALA A 297 18.22 53.37 11.21
N PHE A 298 19.29 53.21 11.99
CA PHE A 298 19.32 53.65 13.39
C PHE A 298 20.70 54.03 13.95
N PRO A 299 21.58 54.60 13.13
CA PRO A 299 22.90 54.98 13.63
C PRO A 299 22.79 55.68 14.96
N GLU A 300 21.74 56.47 15.11
CA GLU A 300 21.50 57.22 16.33
C GLU A 300 21.58 56.34 17.56
N ASN A 301 20.74 55.32 17.59
CA ASN A 301 20.69 54.39 18.70
C ASN A 301 22.03 53.72 18.97
N ILE A 302 22.84 53.61 17.91
CA ILE A 302 24.16 52.98 18.03
C ILE A 302 25.07 53.73 19.00
N GLU A 303 24.71 54.96 19.31
CA GLU A 303 25.52 55.77 20.22
C GLU A 303 24.91 55.96 21.60
N LYS A 304 23.60 55.74 21.73
CA LYS A 304 22.97 55.87 23.04
C LYS A 304 23.47 54.62 23.73
N ILE A 305 23.39 53.52 22.99
CA ILE A 305 23.84 52.23 23.46
C ILE A 305 25.33 52.24 23.84
N LEU A 306 26.15 52.75 22.93
CA LEU A 306 27.61 52.88 23.09
C LEU A 306 28.46 51.95 22.22
N ALA A 307 28.17 51.84 20.93
CA ALA A 307 28.96 50.95 20.09
C ALA A 307 29.26 51.44 18.69
N VAL A 308 30.13 50.71 18.01
CA VAL A 308 30.53 51.00 16.64
C VAL A 308 30.04 49.87 15.74
N PRO A 309 29.13 50.19 14.78
CA PRO A 309 28.56 49.20 13.86
C PRO A 309 29.61 48.24 13.31
N ASP A 310 30.00 47.29 14.15
CA ASP A 310 30.98 46.28 13.79
C ASP A 310 30.78 45.03 14.64
N PRO A 311 29.89 44.13 14.19
CA PRO A 311 29.61 42.89 14.91
C PRO A 311 30.86 42.12 15.34
N GLY A 312 31.95 42.31 14.62
CA GLY A 312 33.17 41.63 14.99
C GLY A 312 33.40 42.04 16.43
N LEU A 313 34.18 43.09 16.60
CA LEU A 313 34.56 43.71 17.87
C LEU A 313 33.93 43.37 19.24
N TYR A 314 33.37 42.19 19.43
CA TYR A 314 32.78 41.86 20.74
C TYR A 314 32.78 40.36 21.03
N GLY A 315 33.48 39.97 22.08
CA GLY A 315 33.54 38.58 22.47
C GLY A 315 32.17 37.95 22.64
N PHE A 316 31.23 38.72 23.15
CA PHE A 316 29.88 38.21 23.35
C PHE A 316 29.10 38.24 22.05
N ILE A 317 29.80 38.14 20.91
CA ILE A 317 29.11 38.21 19.63
C ILE A 317 29.91 37.75 18.41
N ASN A 318 31.23 37.73 18.52
CA ASN A 318 32.09 37.36 17.40
C ASN A 318 32.64 35.94 17.32
N GLN A 319 32.50 35.17 18.40
CA GLN A 319 33.01 33.80 18.42
C GLN A 319 32.71 33.02 17.15
N GLY A 320 31.50 33.16 16.63
CA GLY A 320 31.16 32.41 15.43
C GLY A 320 31.19 33.15 14.10
N THR A 321 30.01 33.35 13.54
CA THR A 321 29.90 34.01 12.23
C THR A 321 29.39 35.44 12.30
N LEU A 322 29.54 36.15 11.18
CA LEU A 322 29.15 37.56 11.05
C LEU A 322 27.76 37.73 10.46
N THR A 323 27.52 37.11 9.31
CA THR A 323 26.21 37.21 8.67
C THR A 323 25.77 35.85 8.19
N VAL A 324 24.60 35.79 7.55
CA VAL A 324 24.08 34.51 7.07
C VAL A 324 23.71 34.61 5.59
N ASP A 325 24.33 33.76 4.78
CA ASP A 325 24.07 33.77 3.35
C ASP A 325 22.59 33.87 3.04
N GLY A 326 22.21 34.96 2.36
CA GLY A 326 20.81 35.18 2.01
C GLY A 326 20.13 35.89 3.17
N ILE A 327 20.79 36.92 3.72
CA ILE A 327 20.24 37.65 4.86
C ILE A 327 20.68 39.13 4.92
N ASP A 328 19.73 40.03 5.22
CA ASP A 328 20.03 41.46 5.28
C ASP A 328 19.61 42.06 6.61
N ASP A 329 20.38 41.79 7.66
CA ASP A 329 20.11 42.31 9.00
C ASP A 329 19.30 43.60 8.93
N GLU A 330 19.90 44.66 8.39
CA GLU A 330 19.21 45.95 8.28
C GLU A 330 17.69 45.84 8.15
N GLU A 331 17.24 45.23 7.06
CA GLU A 331 15.81 45.04 6.78
C GLU A 331 15.11 44.41 7.98
N GLU A 332 15.82 43.53 8.67
CA GLU A 332 15.27 42.86 9.85
C GLU A 332 15.30 43.77 11.05
N MET A 333 16.41 44.49 11.27
CA MET A 333 16.47 45.43 12.38
C MET A 333 15.34 46.39 12.06
N GLY A 334 14.92 46.34 10.81
CA GLY A 334 13.84 47.18 10.35
C GLY A 334 12.49 46.68 10.82
N LEU A 335 11.98 45.61 10.20
CA LEU A 335 10.68 45.06 10.58
C LEU A 335 10.64 44.82 12.10
N THR A 336 11.74 44.33 12.64
CA THR A 336 11.83 44.08 14.07
C THR A 336 11.34 45.30 14.82
N ASP A 337 11.86 46.46 14.43
CA ASP A 337 11.47 47.69 15.09
C ASP A 337 10.02 48.05 14.79
N THR A 338 9.64 48.03 13.52
CA THR A 338 8.26 48.35 13.15
C THR A 338 7.30 47.48 13.98
N ALA A 339 7.63 46.21 14.13
CA ALA A 339 6.81 45.26 14.89
C ALA A 339 6.75 45.62 16.37
N PHE A 340 7.85 46.17 16.89
CA PHE A 340 7.98 46.60 18.29
C PHE A 340 7.00 47.71 18.62
N ASP A 341 6.56 48.41 17.58
CA ASP A 341 5.62 49.51 17.74
C ASP A 341 4.20 48.99 17.61
N VAL A 342 3.99 48.15 16.63
CA VAL A 342 2.67 47.57 16.39
C VAL A 342 2.18 46.91 17.67
N LEU A 343 3.07 46.16 18.32
CA LEU A 343 2.70 45.50 19.57
C LEU A 343 2.44 46.54 20.65
N GLY A 344 2.78 47.77 20.30
CA GLY A 344 2.53 48.92 21.15
C GLY A 344 3.41 49.33 22.29
N PHE A 345 4.72 49.38 22.15
CA PHE A 345 5.44 49.82 23.32
C PHE A 345 6.53 50.86 23.25
N THR A 346 6.33 51.85 24.13
CA THR A 346 7.19 53.00 24.36
C THR A 346 8.52 53.05 23.60
N ASP A 347 8.67 54.05 22.73
CA ASP A 347 9.91 54.19 21.99
C ASP A 347 11.01 54.31 23.03
N GLU A 348 10.59 54.47 24.29
CA GLU A 348 11.53 54.58 25.38
C GLU A 348 11.79 53.17 25.81
N GLU A 349 10.74 52.42 26.18
CA GLU A 349 10.92 51.02 26.57
C GLU A 349 11.88 50.46 25.52
N LYS A 350 11.44 50.55 24.26
CA LYS A 350 12.21 50.12 23.09
C LYS A 350 13.70 50.43 23.20
N LEU A 351 14.01 51.47 23.97
CA LEU A 351 15.40 51.87 24.16
C LEU A 351 16.02 50.97 25.21
N SER A 352 15.40 50.91 26.38
CA SER A 352 15.94 50.06 27.43
C SER A 352 16.24 48.68 26.88
N MET A 353 15.22 47.99 26.39
CA MET A 353 15.43 46.69 25.82
C MET A 353 16.70 46.77 24.96
N TYR A 354 16.77 47.75 24.08
CA TYR A 354 17.94 47.92 23.23
C TYR A 354 19.20 48.18 24.07
N LYS A 355 19.22 49.31 24.77
CA LYS A 355 20.38 49.64 25.60
C LYS A 355 20.73 48.45 26.45
N CYS A 356 19.71 47.88 27.10
CA CYS A 356 19.89 46.69 27.95
C CYS A 356 20.67 45.67 27.16
N THR A 357 20.29 45.49 25.90
CA THR A 357 20.96 44.56 25.00
C THR A 357 22.39 45.02 24.84
N GLY A 358 22.56 46.25 24.35
CA GLY A 358 23.88 46.81 24.18
C GLY A 358 24.79 46.50 25.36
N CYS A 359 24.27 46.66 26.58
CA CYS A 359 25.07 46.39 27.77
C CYS A 359 25.79 45.05 27.67
N ILE A 360 25.09 44.03 27.16
CA ILE A 360 25.68 42.71 27.01
C ILE A 360 26.91 42.78 26.10
N LEU A 361 26.89 43.70 25.14
CA LEU A 361 28.03 43.88 24.24
C LEU A 361 29.27 44.34 24.99
N HIS A 362 29.07 45.15 26.01
CA HIS A 362 30.16 45.68 26.81
C HIS A 362 30.56 44.75 27.89
N LEU A 363 29.57 44.13 28.54
CA LEU A 363 29.83 43.20 29.63
C LEU A 363 30.90 42.23 29.20
N GLY A 364 31.32 42.38 27.95
CA GLY A 364 32.32 41.51 27.37
C GLY A 364 33.68 42.11 27.19
N GLU A 365 33.68 43.42 27.20
CA GLU A 365 34.91 44.10 27.10
C GLU A 365 35.41 44.06 28.53
N MET A 366 34.58 44.42 29.50
CA MET A 366 34.99 44.40 30.91
C MET A 366 36.17 43.45 31.26
N LYS A 367 37.41 43.85 30.93
CA LYS A 367 38.65 43.08 31.14
C LYS A 367 39.03 42.83 32.61
N TRP A 368 40.04 41.98 32.85
CA TRP A 368 40.49 41.65 34.22
C TRP A 368 41.93 41.09 34.38
N LYS A 369 42.55 41.37 35.54
CA LYS A 369 43.92 40.89 35.90
C LYS A 369 43.98 40.54 37.39
N GLN A 370 45.02 39.81 37.82
CA GLN A 370 45.13 39.41 39.22
C GLN A 370 46.52 39.50 39.85
N ARG A 371 46.55 39.49 41.18
CA ARG A 371 47.80 39.56 41.92
C ARG A 371 47.75 38.63 43.14
N GLY A 372 48.15 37.38 42.88
CA GLY A 372 48.14 36.35 43.90
C GLY A 372 46.91 35.50 43.60
N GLU A 373 45.79 35.92 44.17
CA GLU A 373 44.54 35.22 43.94
C GLU A 373 43.38 36.14 44.23
N GLN A 374 43.52 37.38 43.75
CA GLN A 374 42.51 38.42 43.88
C GLN A 374 42.56 39.17 42.56
N ALA A 375 41.44 39.20 41.85
CA ALA A 375 41.38 39.87 40.55
C ALA A 375 40.99 41.34 40.64
N GLU A 376 41.48 42.12 39.69
CA GLU A 376 41.20 43.55 39.61
C GLU A 376 41.00 44.00 38.16
N ALA A 377 40.36 45.15 37.99
CA ALA A 377 40.09 45.68 36.66
C ALA A 377 41.36 45.85 35.85
N ASP A 378 41.18 46.12 34.55
CA ASP A 378 42.30 46.35 33.64
C ASP A 378 41.73 47.34 32.64
N GLY A 379 40.96 48.28 33.16
CA GLY A 379 40.31 49.31 32.35
C GLY A 379 39.27 49.87 33.28
N THR A 380 38.19 50.44 32.74
CA THR A 380 37.12 51.00 33.58
C THR A 380 36.12 51.76 32.72
N ALA A 381 36.46 52.00 31.46
CA ALA A 381 35.53 52.69 30.56
C ALA A 381 34.38 51.71 30.43
N GLU A 382 34.75 50.53 29.96
CA GLU A 382 33.86 49.40 29.77
C GLU A 382 32.91 49.13 30.93
N ALA A 383 33.41 49.35 32.15
CA ALA A 383 32.63 49.14 33.37
C ALA A 383 31.66 50.29 33.66
N GLU A 384 32.02 51.52 33.30
CA GLU A 384 31.09 52.62 33.54
C GLU A 384 30.10 52.61 32.37
N LYS A 385 30.49 51.95 31.28
CA LYS A 385 29.63 51.83 30.12
C LYS A 385 28.52 50.90 30.59
N VAL A 386 28.92 49.78 31.18
CA VAL A 386 27.95 48.83 31.69
C VAL A 386 27.25 49.43 32.89
N ALA A 387 28.03 49.96 33.82
CA ALA A 387 27.48 50.55 35.02
C ALA A 387 26.45 51.57 34.62
N PHE A 388 26.77 52.40 33.63
CA PHE A 388 25.80 53.41 33.21
C PHE A 388 24.56 52.81 32.58
N LEU A 389 24.75 52.17 31.43
CA LEU A 389 23.64 51.55 30.71
C LEU A 389 22.65 50.92 31.69
N LEU A 390 23.16 50.37 32.78
CA LEU A 390 22.29 49.75 33.75
C LEU A 390 21.73 50.74 34.74
N GLY A 391 22.49 51.78 35.05
CA GLY A 391 22.01 52.78 35.98
C GLY A 391 22.28 52.25 37.37
N VAL A 392 23.57 52.16 37.71
CA VAL A 392 23.97 51.67 39.02
C VAL A 392 25.37 52.27 39.14
N ASN A 393 25.97 52.26 40.32
CA ASN A 393 27.28 52.90 40.41
C ASN A 393 28.55 52.07 40.32
N ALA A 394 29.09 52.09 39.09
CA ALA A 394 30.31 51.40 38.70
C ALA A 394 31.21 51.01 39.85
N GLY A 395 31.46 51.94 40.77
CA GLY A 395 32.31 51.62 41.90
C GLY A 395 31.69 50.44 42.60
N ASP A 396 30.43 50.60 42.99
CA ASP A 396 29.72 49.53 43.66
C ASP A 396 29.69 48.27 42.81
N LEU A 397 29.66 48.43 41.49
CA LEU A 397 29.67 47.24 40.62
C LEU A 397 31.05 46.60 40.74
N LEU A 398 32.05 47.26 40.15
CA LEU A 398 33.42 46.78 40.19
C LEU A 398 33.71 46.19 41.56
N LYS A 399 33.24 46.88 42.59
CA LYS A 399 33.45 46.44 43.96
C LYS A 399 32.69 45.17 44.26
N CYS A 400 31.41 45.09 43.89
CA CYS A 400 30.67 43.86 44.19
C CYS A 400 30.91 42.71 43.18
N LEU A 401 31.72 42.96 42.15
CA LEU A 401 32.05 41.92 41.18
C LEU A 401 33.41 41.42 41.62
N LEU A 402 34.31 42.38 41.82
CA LEU A 402 35.69 42.15 42.23
C LEU A 402 35.88 41.75 43.67
N LYS A 403 34.99 42.18 44.56
CA LYS A 403 35.23 41.91 45.97
C LYS A 403 34.17 41.32 46.92
N PRO A 404 32.92 41.80 46.83
CA PRO A 404 31.75 41.42 47.62
C PRO A 404 31.88 41.22 49.13
N LYS A 405 30.81 41.54 49.85
CA LYS A 405 30.73 41.40 51.30
C LYS A 405 29.45 40.62 51.60
N ILE A 406 29.55 39.55 52.39
CA ILE A 406 28.35 38.77 52.69
C ILE A 406 28.05 38.64 54.18
N LYS A 407 28.06 37.44 54.77
CA LYS A 407 27.71 37.38 56.19
C LYS A 407 27.75 36.05 56.96
N VAL A 408 27.12 36.11 58.14
CA VAL A 408 26.94 35.05 59.13
C VAL A 408 26.10 35.68 60.26
N GLY A 409 26.19 37.00 60.35
CA GLY A 409 25.50 37.80 61.35
C GLY A 409 26.27 39.11 61.25
N THR A 410 27.54 38.92 60.91
CA THR A 410 28.50 39.99 60.68
C THR A 410 28.64 39.93 59.16
N GLU A 411 29.60 40.63 58.54
CA GLU A 411 29.70 40.54 57.08
C GLU A 411 31.14 40.54 56.51
N TYR A 412 31.64 39.36 56.15
CA TYR A 412 33.00 39.22 55.61
C TYR A 412 33.08 39.55 54.11
N VAL A 413 34.30 39.80 53.68
CA VAL A 413 34.60 40.10 52.29
C VAL A 413 34.64 38.77 51.53
N THR A 414 33.53 38.43 50.88
CA THR A 414 33.47 37.18 50.14
C THR A 414 34.51 37.16 49.06
N GLN A 415 35.22 38.29 48.96
CA GLN A 415 36.29 38.57 48.01
C GLN A 415 36.99 37.39 47.36
N GLY A 416 36.86 36.20 47.96
CA GLY A 416 37.49 35.02 47.41
C GLY A 416 38.01 35.30 46.02
N ARG A 417 37.09 35.77 45.18
CA ARG A 417 37.32 36.14 43.79
C ARG A 417 38.74 36.11 43.21
N ASN A 418 38.85 35.46 42.06
CA ASN A 418 40.13 35.41 41.35
C ASN A 418 39.73 35.76 39.91
N LYS A 419 40.62 35.50 38.95
CA LYS A 419 40.30 35.81 37.57
C LYS A 419 39.39 34.79 36.90
N ASP A 420 39.67 33.51 37.09
CA ASP A 420 38.83 32.47 36.49
C ASP A 420 37.38 32.63 36.98
N GLN A 421 37.22 33.23 38.15
CA GLN A 421 35.90 33.43 38.76
C GLN A 421 35.10 34.64 38.27
N VAL A 422 35.72 35.81 38.12
CA VAL A 422 34.99 37.01 37.67
C VAL A 422 34.50 36.93 36.23
N THR A 423 35.35 36.43 35.34
CA THR A 423 34.98 36.31 33.93
C THR A 423 33.65 35.58 33.86
N ASN A 424 33.55 34.48 34.60
CA ASN A 424 32.31 33.72 34.63
C ASN A 424 31.22 34.65 35.13
N SER A 425 31.38 35.10 36.38
CA SER A 425 30.43 36.00 37.02
C SER A 425 29.88 36.99 36.00
N ILE A 426 30.77 37.61 35.23
CA ILE A 426 30.33 38.55 34.23
C ILE A 426 29.46 37.85 33.16
N ALA A 427 29.99 36.79 32.58
CA ALA A 427 29.25 36.04 31.56
C ALA A 427 27.83 35.71 32.03
N ALA A 428 27.76 35.26 33.29
CA ALA A 428 26.49 34.88 33.86
C ALA A 428 25.58 36.09 33.97
N LEU A 429 26.15 37.25 34.35
CA LEU A 429 25.32 38.45 34.43
C LEU A 429 24.64 38.61 33.08
N ALA A 430 25.46 38.64 32.04
CA ALA A 430 24.96 38.79 30.68
C ALA A 430 23.77 37.89 30.42
N LYS A 431 23.98 36.57 30.52
CA LYS A 431 22.94 35.57 30.30
C LYS A 431 21.71 35.91 31.14
N SER A 432 21.93 36.16 32.43
CA SER A 432 20.83 36.52 33.32
C SER A 432 20.11 37.75 32.79
N LEU A 433 20.83 38.73 32.28
CA LEU A 433 20.18 39.91 31.74
C LEU A 433 19.28 39.47 30.59
N TYR A 434 19.89 38.76 29.63
CA TYR A 434 19.16 38.30 28.46
C TYR A 434 17.91 37.50 28.82
N ASP A 435 18.03 36.66 29.84
CA ASP A 435 16.91 35.83 30.23
C ASP A 435 15.74 36.62 30.78
N ARG A 436 16.02 37.63 31.60
CA ARG A 436 14.95 38.42 32.19
C ARG A 436 14.38 39.32 31.11
N MET A 437 15.24 39.77 30.20
CA MET A 437 14.79 40.61 29.12
C MET A 437 13.77 39.85 28.28
N PHE A 438 14.10 38.60 27.99
CA PHE A 438 13.23 37.78 27.16
C PHE A 438 11.91 37.39 27.79
N ASN A 439 11.92 37.14 29.10
CA ASN A 439 10.68 36.78 29.76
C ASN A 439 9.88 38.03 29.62
N TRP A 440 10.49 39.15 30.01
CA TRP A 440 9.81 40.41 29.92
C TRP A 440 9.14 40.57 28.56
N LEU A 441 9.95 40.61 27.50
CA LEU A 441 9.43 40.74 26.15
C LEU A 441 8.17 39.90 25.94
N VAL A 442 8.18 38.68 26.49
CA VAL A 442 7.02 37.81 26.34
C VAL A 442 5.81 38.28 27.16
N ARG A 443 6.04 38.65 28.41
CA ARG A 443 4.97 39.13 29.27
C ARG A 443 4.18 40.20 28.50
N ARG A 444 4.91 40.96 27.69
CA ARG A 444 4.33 42.05 26.91
C ARG A 444 3.39 41.68 25.78
N VAL A 445 3.83 40.83 24.85
CA VAL A 445 2.94 40.42 23.77
C VAL A 445 1.70 39.82 24.42
N ASN A 446 1.89 39.23 25.60
CA ASN A 446 0.77 38.62 26.28
C ASN A 446 -0.17 39.72 26.68
N GLN A 447 0.39 40.87 27.06
CA GLN A 447 -0.45 41.99 27.44
C GLN A 447 -1.16 42.47 26.18
N THR A 448 -0.45 42.44 25.06
CA THR A 448 -1.04 42.82 23.79
C THR A 448 -2.19 41.88 23.49
N LEU A 449 -2.02 40.62 23.89
CA LEU A 449 -3.03 39.62 23.63
C LEU A 449 -4.20 39.59 24.59
N ASP A 450 -3.97 39.83 25.88
CA ASP A 450 -5.06 39.77 26.85
C ASP A 450 -6.21 40.77 26.69
N THR A 451 -6.65 41.05 25.48
CA THR A 451 -7.81 41.93 25.42
C THR A 451 -8.82 40.82 25.61
N LYS A 452 -8.92 40.35 26.86
CA LYS A 452 -9.81 39.26 27.16
C LYS A 452 -11.11 39.55 27.84
N ALA A 453 -11.81 38.44 28.03
CA ALA A 453 -13.08 38.36 28.68
C ALA A 453 -12.76 37.36 29.78
N LYS A 454 -13.18 36.12 29.57
CA LYS A 454 -12.92 35.07 30.54
C LYS A 454 -12.55 33.77 29.82
N ARG A 455 -11.42 33.21 30.20
CA ARG A 455 -10.92 31.96 29.63
C ARG A 455 -11.42 30.78 30.46
N GLN A 456 -11.63 29.64 29.80
CA GLN A 456 -12.08 28.45 30.50
C GLN A 456 -11.21 27.27 30.11
N PHE A 457 -10.81 27.25 28.85
CA PHE A 457 -9.96 26.18 28.33
C PHE A 457 -8.92 26.72 27.39
N PHE A 458 -8.18 25.80 26.80
CA PHE A 458 -7.16 26.13 25.82
C PHE A 458 -6.70 24.95 25.00
N ILE A 459 -6.16 25.30 23.85
CA ILE A 459 -5.61 24.37 22.87
C ILE A 459 -4.27 25.01 22.58
N GLY A 460 -3.23 24.56 23.24
CA GLY A 460 -1.94 25.15 22.97
C GLY A 460 -1.26 24.48 21.81
N VAL A 461 -0.30 25.19 21.24
CA VAL A 461 0.47 24.65 20.16
C VAL A 461 1.89 24.82 20.66
N LEU A 462 2.65 23.75 20.60
CA LEU A 462 4.01 23.78 21.09
C LEU A 462 5.00 23.62 19.96
N ASP A 463 5.95 24.55 19.89
CA ASP A 463 7.01 24.54 18.89
C ASP A 463 8.24 24.42 19.79
N ILE A 464 8.92 23.28 19.76
CA ILE A 464 10.09 23.11 20.59
C ILE A 464 11.29 22.97 19.66
N ALA A 465 12.37 22.34 20.09
CA ALA A 465 13.54 22.20 19.21
C ALA A 465 13.28 21.07 18.27
N GLY A 466 13.81 19.90 18.57
CA GLY A 466 13.57 18.78 17.70
C GLY A 466 14.55 17.73 18.16
N PHE A 467 15.20 16.97 17.28
CA PHE A 467 16.12 16.01 17.82
C PHE A 467 17.29 16.19 16.92
N GLU A 468 18.38 16.65 17.49
CA GLU A 468 19.57 16.90 16.70
C GLU A 468 20.59 15.79 16.76
N ILE A 469 21.16 15.54 15.60
CA ILE A 469 22.21 14.57 15.42
C ILE A 469 23.06 15.33 14.43
N PHE A 470 24.26 15.69 14.84
CA PHE A 470 25.18 16.41 13.98
C PHE A 470 26.38 15.52 13.88
N ASP A 471 27.42 15.95 13.18
CA ASP A 471 28.62 15.13 13.09
C ASP A 471 29.29 15.39 14.43
N PHE A 472 28.98 16.54 15.01
CA PHE A 472 29.57 16.90 16.28
C PHE A 472 28.52 17.36 17.27
N ASN A 473 28.14 16.46 18.18
CA ASN A 473 27.14 16.75 19.20
C ASN A 473 27.85 16.98 20.53
N SER A 474 27.55 18.11 21.16
CA SER A 474 28.14 18.41 22.46
C SER A 474 27.04 18.74 23.45
N PHE A 475 27.43 19.27 24.59
CA PHE A 475 26.47 19.58 25.63
C PHE A 475 25.12 20.17 25.20
N GLU A 476 25.08 20.86 24.06
CA GLU A 476 23.85 21.46 23.58
C GLU A 476 22.93 20.38 23.02
N GLN A 477 23.49 19.49 22.19
CA GLN A 477 22.68 18.43 21.61
C GLN A 477 22.11 17.56 22.69
N LEU A 478 22.96 17.12 23.61
CA LEU A 478 22.43 16.30 24.69
C LEU A 478 21.23 17.00 25.33
N CYS A 479 21.38 18.25 25.77
CA CYS A 479 20.26 18.95 26.39
C CYS A 479 19.00 18.84 25.57
N ILE A 480 19.07 19.19 24.28
CA ILE A 480 17.88 19.11 23.42
C ILE A 480 17.34 17.67 23.32
N ASN A 481 18.23 16.70 23.13
CA ASN A 481 17.78 15.33 23.01
C ASN A 481 17.13 14.80 24.28
N TYR A 482 17.59 15.29 25.41
CA TYR A 482 17.02 14.88 26.68
C TYR A 482 15.57 15.37 26.62
N THR A 483 15.37 16.54 26.04
CA THR A 483 14.02 17.09 25.95
C THR A 483 13.14 16.29 24.99
N ASN A 484 13.59 16.04 23.77
CA ASN A 484 12.74 15.26 22.90
C ASN A 484 12.53 13.87 23.45
N GLU A 485 13.56 13.28 24.04
CA GLU A 485 13.37 11.94 24.62
C GLU A 485 12.14 12.01 25.51
N ARG A 486 12.08 13.00 26.40
CA ARG A 486 10.93 13.11 27.28
C ARG A 486 9.66 13.46 26.54
N LEU A 487 9.80 13.92 25.31
CA LEU A 487 8.64 14.27 24.52
C LEU A 487 8.10 13.04 23.82
N GLN A 488 9.02 12.27 23.25
CA GLN A 488 8.65 11.06 22.56
C GLN A 488 7.96 10.18 23.54
N GLN A 489 8.48 10.17 24.77
CA GLN A 489 7.91 9.37 25.84
C GLN A 489 6.47 9.75 26.09
N PHE A 490 6.25 11.05 26.21
CA PHE A 490 4.90 11.58 26.39
C PHE A 490 3.99 10.98 25.32
N PHE A 491 4.51 10.89 24.11
CA PHE A 491 3.76 10.30 23.01
C PHE A 491 3.55 8.85 23.32
N ASN A 492 4.64 8.09 23.37
CA ASN A 492 4.49 6.67 23.65
C ASN A 492 3.42 6.43 24.68
N HIS A 493 3.45 7.18 25.78
CA HIS A 493 2.47 7.01 26.84
C HIS A 493 1.07 7.26 26.40
N HIS A 494 0.82 8.27 25.58
CA HIS A 494 -0.54 8.49 25.12
C HIS A 494 -0.96 7.27 24.30
N MET A 495 -0.11 6.88 23.35
CA MET A 495 -0.42 5.74 22.52
C MET A 495 -0.83 4.58 23.41
N PHE A 496 0.02 4.30 24.39
CA PHE A 496 -0.21 3.24 25.35
C PHE A 496 -1.57 3.32 25.96
N VAL A 497 -1.94 4.49 26.45
CA VAL A 497 -3.23 4.62 27.07
C VAL A 497 -4.39 4.40 26.13
N LEU A 498 -4.24 4.80 24.88
CA LEU A 498 -5.31 4.61 23.93
C LEU A 498 -5.38 3.16 23.52
N GLU A 499 -4.29 2.63 23.00
CA GLU A 499 -4.33 1.25 22.58
C GLU A 499 -4.88 0.37 23.70
N GLN A 500 -4.73 0.82 24.94
CA GLN A 500 -5.20 0.00 26.04
C GLN A 500 -6.70 -0.02 26.09
N GLU A 501 -7.31 1.14 25.87
CA GLU A 501 -8.76 1.21 25.85
C GLU A 501 -9.18 0.45 24.58
N GLU A 502 -8.57 0.80 23.45
CA GLU A 502 -8.90 0.18 22.19
C GLU A 502 -9.01 -1.33 22.32
N TYR A 503 -8.01 -1.96 22.92
CA TYR A 503 -8.05 -3.42 23.08
C TYR A 503 -9.21 -3.87 23.95
N LYS A 504 -9.44 -3.19 25.07
CA LYS A 504 -10.53 -3.52 25.98
C LYS A 504 -11.91 -3.31 25.36
N LYS A 505 -12.05 -2.30 24.52
CA LYS A 505 -13.32 -1.99 23.86
C LYS A 505 -13.71 -3.21 23.02
N GLU A 506 -12.69 -3.96 22.62
CA GLU A 506 -12.89 -5.14 21.80
C GLU A 506 -12.78 -6.44 22.57
N GLY A 507 -12.38 -6.34 23.82
CA GLY A 507 -12.27 -7.53 24.64
C GLY A 507 -11.06 -8.35 24.28
N ILE A 508 -10.01 -7.67 23.84
CA ILE A 508 -8.78 -8.34 23.50
C ILE A 508 -7.87 -8.24 24.71
N VAL A 509 -7.06 -9.27 24.94
CA VAL A 509 -6.15 -9.28 26.10
C VAL A 509 -4.93 -8.35 25.98
N TRP A 510 -4.78 -7.44 26.95
CA TRP A 510 -3.65 -6.51 26.94
C TRP A 510 -2.48 -6.98 27.82
N GLU A 511 -1.45 -7.40 27.12
CA GLU A 511 -0.23 -7.93 27.67
C GLU A 511 0.88 -6.90 27.47
N PHE A 512 0.73 -5.72 28.04
CA PHE A 512 1.77 -4.72 27.83
C PHE A 512 2.07 -3.73 28.92
N ILE A 513 3.34 -3.42 29.03
CA ILE A 513 3.80 -2.47 30.01
C ILE A 513 3.90 -1.15 29.26
N ASP A 514 3.46 -0.08 29.92
CA ASP A 514 3.52 1.24 29.31
C ASP A 514 4.59 1.43 28.23
N PHE A 515 4.24 2.04 27.11
CA PHE A 515 5.23 2.23 26.05
C PHE A 515 6.22 3.30 26.41
N GLY A 516 5.77 4.22 27.25
CA GLY A 516 6.62 5.29 27.72
C GLY A 516 7.89 4.73 28.30
N LEU A 517 7.77 3.63 29.02
CA LEU A 517 8.94 3.03 29.67
C LEU A 517 10.13 2.67 28.80
N ASP A 518 9.93 2.47 27.50
CA ASP A 518 11.08 2.12 26.69
C ASP A 518 12.06 3.27 26.55
N LEU A 519 11.69 4.47 26.99
CA LEU A 519 12.61 5.60 26.92
C LEU A 519 13.13 6.01 28.28
N GLN A 520 12.55 5.41 29.31
CA GLN A 520 12.95 5.74 30.64
C GLN A 520 14.40 5.43 30.95
N ALA A 521 14.93 4.38 30.36
CA ALA A 521 16.30 4.00 30.60
C ALA A 521 17.15 5.22 30.32
N CYS A 522 17.20 5.61 29.04
CA CYS A 522 17.98 6.76 28.62
C CYS A 522 17.66 7.95 29.50
N ILE A 523 16.39 8.35 29.52
CA ILE A 523 15.98 9.46 30.36
C ILE A 523 16.63 9.38 31.73
N GLU A 524 16.56 8.21 32.36
CA GLU A 524 17.17 8.00 33.67
C GLU A 524 18.69 8.21 33.61
N LEU A 525 19.32 7.69 32.56
CA LEU A 525 20.76 7.80 32.40
C LEU A 525 21.20 9.26 32.27
N ILE A 526 20.23 10.16 32.14
CA ILE A 526 20.53 11.59 32.04
C ILE A 526 20.17 12.30 33.34
N GLU A 527 18.93 12.14 33.78
CA GLU A 527 18.47 12.82 34.99
C GLU A 527 19.03 12.29 36.29
N LYS A 528 18.80 10.99 36.51
CA LYS A 528 19.16 10.29 37.74
C LYS A 528 20.42 10.63 38.53
N PRO A 529 20.24 10.86 39.84
CA PRO A 529 21.27 11.19 40.81
C PRO A 529 22.40 10.24 40.51
N MET A 530 23.49 10.77 40.01
CA MET A 530 24.67 10.00 39.66
C MET A 530 24.51 9.44 38.26
N GLY A 531 24.11 10.34 37.38
CA GLY A 531 23.91 10.02 35.99
C GLY A 531 24.64 11.11 35.24
N ILE A 532 24.56 11.15 33.91
CA ILE A 532 25.28 12.20 33.16
C ILE A 532 25.22 13.62 33.78
N LEU A 533 24.08 14.29 33.69
CA LEU A 533 23.99 15.63 34.25
C LEU A 533 24.51 15.79 35.71
N SER A 534 24.03 14.99 36.66
CA SER A 534 24.51 15.10 38.05
C SER A 534 25.99 14.77 38.20
N ILE A 535 26.53 13.99 37.27
CA ILE A 535 27.95 13.71 37.34
C ILE A 535 28.59 14.98 36.88
N LEU A 536 28.01 15.62 35.88
CA LEU A 536 28.57 16.89 35.43
C LEU A 536 28.53 17.97 36.52
N GLU A 537 27.36 18.21 37.07
CA GLU A 537 27.23 19.23 38.10
C GLU A 537 28.30 19.07 39.18
N GLU A 538 28.36 17.91 39.84
CA GLU A 538 29.36 17.71 40.87
C GLU A 538 30.78 17.94 40.40
N GLU A 539 31.10 17.43 39.21
CA GLU A 539 32.44 17.60 38.69
C GLU A 539 32.60 19.09 38.36
N CYS A 540 31.54 19.88 38.48
CA CYS A 540 31.64 21.32 38.21
C CYS A 540 32.17 22.07 39.45
N MET A 541 32.10 21.41 40.61
CA MET A 541 32.53 22.06 41.85
C MET A 541 33.98 21.77 42.23
N PHE A 542 34.73 21.20 41.29
CA PHE A 542 36.11 20.91 41.57
C PHE A 542 37.17 21.67 40.76
N PRO A 543 37.65 22.78 41.32
CA PRO A 543 38.67 23.63 40.71
C PRO A 543 39.53 22.97 39.62
N LYS A 544 40.34 21.97 39.97
CA LYS A 544 41.15 21.33 38.93
C LYS A 544 40.42 20.26 38.11
N ALA A 545 39.09 20.19 38.25
CA ALA A 545 38.31 19.24 37.47
C ALA A 545 38.72 19.47 36.03
N SER A 546 38.46 18.52 35.16
CA SER A 546 38.85 18.69 33.79
C SER A 546 38.01 17.87 32.83
N ASP A 547 38.03 18.24 31.56
CA ASP A 547 37.27 17.53 30.54
C ASP A 547 37.56 16.05 30.69
N THR A 548 38.70 15.74 31.28
CA THR A 548 39.10 14.38 31.46
C THR A 548 38.64 13.80 32.80
N SER A 549 38.74 14.60 33.85
CA SER A 549 38.31 14.18 35.18
C SER A 549 36.86 13.76 35.09
N PHE A 550 36.11 14.51 34.30
CA PHE A 550 34.67 14.29 34.10
C PHE A 550 34.41 13.03 33.28
N LYS A 551 35.20 12.84 32.24
CA LYS A 551 35.07 11.68 31.36
C LYS A 551 35.16 10.38 32.16
N ASN A 552 36.27 10.22 32.87
CA ASN A 552 36.47 9.02 33.65
C ASN A 552 35.32 8.82 34.60
N LYS A 553 34.89 9.87 35.30
CA LYS A 553 33.82 9.65 36.25
C LYS A 553 32.60 9.17 35.52
N LEU A 554 32.51 9.46 34.23
CA LEU A 554 31.37 8.98 33.48
C LEU A 554 31.64 7.51 33.21
N TYR A 555 32.82 7.21 32.67
CA TYR A 555 33.15 5.82 32.40
C TYR A 555 33.05 4.98 33.66
N ASP A 556 33.74 5.43 34.71
CA ASP A 556 33.72 4.72 35.99
C ASP A 556 32.29 4.21 36.16
N ASN A 557 31.40 5.13 36.51
CA ASN A 557 29.98 4.88 36.77
C ASN A 557 29.12 4.06 35.81
N HIS A 558 29.23 4.32 34.51
CA HIS A 558 28.38 3.62 33.55
C HIS A 558 28.97 2.86 32.39
N LEU A 559 30.25 2.48 32.41
CA LEU A 559 30.72 1.75 31.23
C LEU A 559 30.16 0.39 30.81
N GLY A 560 30.37 -0.67 31.60
CA GLY A 560 29.86 -1.95 31.17
C GLY A 560 28.52 -2.13 31.83
N LYS A 561 28.28 -1.34 32.87
CA LYS A 561 27.07 -1.44 33.68
C LYS A 561 25.70 -0.98 33.18
N ASN A 562 25.63 -0.30 32.04
CA ASN A 562 24.33 0.13 31.50
C ASN A 562 24.27 0.07 29.98
N PRO A 563 23.31 -0.70 29.45
CA PRO A 563 23.08 -0.89 28.01
C PRO A 563 23.08 0.41 27.22
N MET A 564 22.23 1.35 27.64
CA MET A 564 22.11 2.66 27.00
C MET A 564 23.45 3.34 26.77
N PHE A 565 24.26 3.43 27.82
CA PHE A 565 25.54 4.10 27.73
C PHE A 565 26.59 3.28 26.98
N GLY A 566 27.17 3.89 25.95
CA GLY A 566 28.17 3.21 25.15
C GLY A 566 29.43 4.05 25.11
N LYS A 567 30.24 3.87 24.07
CA LYS A 567 31.47 4.63 23.89
C LYS A 567 31.95 4.41 22.45
N PRO A 568 32.13 5.49 21.69
CA PRO A 568 32.58 5.41 20.31
C PRO A 568 34.04 4.98 20.18
N LYS A 569 34.65 5.28 19.03
CA LYS A 569 36.04 4.89 18.78
C LYS A 569 36.75 5.76 17.73
N PRO A 570 37.67 6.64 18.18
CA PRO A 570 38.46 7.57 17.35
C PRO A 570 38.15 7.54 15.84
N PRO A 571 37.88 8.70 15.25
CA PRO A 571 37.57 8.68 13.81
C PRO A 571 38.58 9.10 12.71
N LYS A 572 38.54 10.36 12.28
CA LYS A 572 39.38 10.86 11.17
C LYS A 572 40.35 12.05 11.40
N ALA A 573 41.12 12.02 12.50
CA ALA A 573 42.08 13.11 12.77
C ALA A 573 41.36 14.42 13.12
N GLY A 574 40.30 14.68 12.36
CA GLY A 574 39.50 15.85 12.55
C GLY A 574 38.11 15.35 12.87
N CYS A 575 37.83 14.11 12.47
CA CYS A 575 36.53 13.52 12.76
C CYS A 575 36.66 13.36 14.25
N ALA A 576 36.49 14.49 14.92
CA ALA A 576 36.59 14.67 16.37
C ALA A 576 36.63 13.46 17.27
N GLU A 577 36.79 13.72 18.55
CA GLU A 577 36.83 12.63 19.50
C GLU A 577 35.49 12.64 20.17
N ALA A 578 34.83 11.48 20.17
CA ALA A 578 33.54 11.35 20.84
C ALA A 578 33.85 10.58 22.14
N HIS A 579 33.16 10.90 23.22
CA HIS A 579 33.49 10.23 24.48
C HIS A 579 32.47 9.25 25.01
N PHE A 580 31.32 9.17 24.38
CA PHE A 580 30.28 8.26 24.82
C PHE A 580 29.05 8.51 24.00
N CYS A 581 28.26 7.46 23.81
CA CYS A 581 27.04 7.57 23.04
C CYS A 581 25.88 6.95 23.79
N LEU A 582 24.69 7.52 23.62
CA LEU A 582 23.49 6.98 24.27
C LEU A 582 22.62 6.44 23.18
N HIS A 583 21.72 5.51 23.53
CA HIS A 583 20.81 4.97 22.54
C HIS A 583 19.49 5.69 22.75
N HIS A 584 19.23 6.64 21.85
CA HIS A 584 18.02 7.46 21.88
C HIS A 584 16.96 6.83 20.99
N TYR A 585 15.70 7.09 21.29
CA TYR A 585 14.65 6.52 20.46
C TYR A 585 14.98 6.82 19.00
N ALA A 586 15.49 8.02 18.74
CA ALA A 586 15.83 8.45 17.38
C ALA A 586 17.11 7.78 16.85
N GLY A 587 17.72 6.91 17.64
CA GLY A 587 18.93 6.26 17.19
C GLY A 587 20.09 6.42 18.16
N SER A 588 21.29 6.09 17.71
CA SER A 588 22.41 6.23 18.60
C SER A 588 23.14 7.54 18.38
N VAL A 589 23.31 8.30 19.46
CA VAL A 589 24.02 9.57 19.36
C VAL A 589 25.33 9.53 20.15
N SER A 590 26.41 9.97 19.48
CA SER A 590 27.76 10.01 20.04
C SER A 590 28.08 11.44 20.45
N TYR A 591 28.50 11.63 21.69
CA TYR A 591 28.78 12.96 22.18
C TYR A 591 30.23 13.26 22.55
N SER A 592 30.64 14.51 22.37
CA SER A 592 31.99 14.96 22.75
C SER A 592 31.84 15.64 24.11
N ILE A 593 32.81 15.46 24.98
CA ILE A 593 32.77 16.01 26.32
C ILE A 593 33.55 17.31 26.50
N ALA A 594 34.42 17.60 25.55
CA ALA A 594 35.22 18.80 25.64
C ALA A 594 34.40 20.02 26.07
N GLY A 595 34.85 20.67 27.14
CA GLY A 595 34.20 21.87 27.62
C GLY A 595 32.89 21.92 28.42
N TRP A 596 32.22 20.80 28.64
CA TRP A 596 30.98 20.85 29.41
C TRP A 596 31.19 21.56 30.76
N LEU A 597 32.27 21.24 31.46
CA LEU A 597 32.50 21.89 32.74
C LEU A 597 32.46 23.39 32.59
N ASP A 598 33.05 23.90 31.51
CA ASP A 598 33.04 25.33 31.28
C ASP A 598 31.66 25.81 30.82
N LYS A 599 31.02 25.07 29.92
CA LYS A 599 29.71 25.47 29.47
C LYS A 599 28.62 25.39 30.54
N ASN A 600 28.76 24.51 31.53
CA ASN A 600 27.68 24.38 32.51
C ASN A 600 27.58 25.39 33.66
N LYS A 601 28.70 25.96 34.11
CA LYS A 601 28.65 26.93 35.21
C LYS A 601 27.93 28.24 34.80
N ASP A 602 26.94 28.61 35.59
CA ASP A 602 26.10 29.79 35.37
C ASP A 602 25.72 30.16 36.81
N PRO A 603 26.72 30.52 37.64
CA PRO A 603 26.57 30.90 39.05
C PRO A 603 25.89 32.25 39.28
N ILE A 604 25.03 32.31 40.30
CA ILE A 604 24.33 33.56 40.62
C ILE A 604 25.21 34.37 41.55
N ASN A 605 25.22 35.68 41.39
CA ASN A 605 26.03 36.48 42.28
C ASN A 605 25.24 37.58 42.98
N GLU A 606 24.59 37.11 44.04
CA GLU A 606 23.75 37.86 44.94
C GLU A 606 23.98 39.36 44.99
N ASN A 607 25.18 39.76 45.39
CA ASN A 607 25.46 41.18 45.51
C ASN A 607 25.10 41.87 44.21
N VAL A 608 25.37 41.20 43.10
CA VAL A 608 25.07 41.82 41.83
C VAL A 608 23.57 42.00 41.68
N VAL A 609 22.77 41.20 42.38
CA VAL A 609 21.31 41.37 42.24
C VAL A 609 20.75 42.52 43.06
N GLU A 610 20.99 42.52 44.36
CA GLU A 610 20.50 43.58 45.22
C GLU A 610 20.93 44.95 44.66
N LEU A 611 22.13 45.01 44.11
CA LEU A 611 22.64 46.24 43.52
C LEU A 611 21.90 46.44 42.20
N LEU A 612 21.77 45.37 41.43
CA LEU A 612 21.03 45.45 40.17
C LEU A 612 19.59 45.74 40.51
N GLN A 613 19.33 45.89 41.81
CA GLN A 613 18.01 46.21 42.31
C GLN A 613 18.05 47.72 42.50
N ASN A 614 18.65 48.40 41.52
CA ASN A 614 18.76 49.87 41.54
C ASN A 614 18.70 50.60 40.19
N SER A 615 18.15 51.81 40.22
CA SER A 615 18.02 52.74 39.07
C SER A 615 17.13 52.32 37.91
N LYS A 616 17.36 52.94 36.74
CA LYS A 616 16.61 52.71 35.50
C LYS A 616 15.44 51.72 35.64
N GLU A 617 14.23 52.20 35.36
CA GLU A 617 12.99 51.42 35.45
C GLU A 617 12.96 49.93 35.04
N PRO A 618 13.38 49.61 33.82
CA PRO A 618 13.31 48.16 33.58
C PRO A 618 14.17 47.36 34.56
N ILE A 619 15.43 47.73 34.76
CA ILE A 619 16.27 46.97 35.68
C ILE A 619 15.67 46.99 37.08
N VAL A 620 14.46 47.50 37.18
CA VAL A 620 13.79 47.54 38.47
C VAL A 620 12.78 46.44 38.36
N LYS A 621 12.16 46.30 37.20
CA LYS A 621 11.18 45.24 37.05
C LYS A 621 11.89 43.93 36.76
N MET A 622 13.03 44.03 36.07
CA MET A 622 13.81 42.84 35.71
C MET A 622 14.47 42.04 36.81
N LEU A 623 15.46 42.62 37.46
CA LEU A 623 16.14 41.89 38.52
C LEU A 623 15.46 42.05 39.88
N PHE A 624 14.19 42.43 39.84
CA PHE A 624 13.39 42.63 41.05
C PHE A 624 12.38 41.49 41.21
N THR A 625 11.87 40.97 40.10
CA THR A 625 10.87 39.88 40.11
C THR A 625 10.88 39.04 41.38
N ALA A 643 25.43 28.24 46.94
CA ALA A 643 24.53 27.96 45.82
C ALA A 643 25.24 28.17 44.47
N PHE A 644 24.92 29.28 43.79
CA PHE A 644 25.52 29.58 42.48
C PHE A 644 25.30 28.32 41.62
N GLN A 645 24.34 28.37 40.69
CA GLN A 645 24.01 27.17 39.91
C GLN A 645 24.55 26.83 38.50
N THR A 646 23.77 26.02 37.78
CA THR A 646 24.16 25.53 36.44
C THR A 646 23.11 25.47 35.34
N ILE A 647 23.61 25.51 34.11
CA ILE A 647 22.72 25.41 32.97
C ILE A 647 21.83 24.16 33.11
N SER A 648 22.46 22.98 33.23
CA SER A 648 21.72 21.72 33.36
C SER A 648 20.60 21.79 34.41
N SER A 649 20.92 22.25 35.61
CA SER A 649 19.89 22.31 36.64
C SER A 649 18.71 23.15 36.20
N VAL A 650 18.97 24.18 35.40
CA VAL A 650 17.90 25.04 34.92
C VAL A 650 17.14 24.28 33.85
N HIS A 651 17.88 23.74 32.88
CA HIS A 651 17.27 22.97 31.83
C HIS A 651 16.27 22.02 32.50
N LYS A 652 16.76 21.21 33.44
CA LYS A 652 15.90 20.27 34.14
C LYS A 652 14.62 20.93 34.60
N GLU A 653 14.74 22.02 35.36
CA GLU A 653 13.57 22.69 35.89
C GLU A 653 12.61 23.13 34.81
N SER A 654 13.13 23.68 33.73
CA SER A 654 12.26 24.14 32.69
C SER A 654 11.57 22.93 32.08
N LEU A 655 12.37 21.93 31.70
CA LEU A 655 11.78 20.76 31.08
C LEU A 655 10.74 20.26 32.02
N ASN A 656 11.13 19.99 33.27
CA ASN A 656 10.17 19.48 34.26
C ASN A 656 8.85 20.21 34.21
N LYS A 657 8.87 21.48 33.79
CA LYS A 657 7.62 22.25 33.71
C LYS A 657 6.85 22.01 32.42
N LEU A 658 7.52 22.09 31.28
CA LEU A 658 6.85 21.86 30.01
C LEU A 658 6.02 20.58 30.10
N MET A 659 6.61 19.52 30.66
CA MET A 659 5.93 18.23 30.83
C MET A 659 4.78 18.26 31.83
N LYS A 660 4.98 18.88 32.98
CA LYS A 660 3.88 18.94 33.92
C LYS A 660 2.70 19.49 33.14
N ASN A 661 3.00 20.46 32.29
CA ASN A 661 1.98 21.09 31.50
C ASN A 661 1.52 20.25 30.33
N LEU A 662 2.41 19.56 29.63
CA LEU A 662 1.97 18.73 28.51
C LEU A 662 1.10 17.57 29.00
N TYR A 663 1.46 16.99 30.14
CA TYR A 663 0.71 15.88 30.65
C TYR A 663 -0.65 16.25 31.19
N SER A 664 -0.95 17.53 31.27
CA SER A 664 -2.27 17.94 31.74
C SER A 664 -3.16 18.23 30.56
N THR A 665 -2.66 17.94 29.37
CA THR A 665 -3.39 18.21 28.18
C THR A 665 -3.59 16.98 27.35
N HIS A 666 -4.67 17.02 26.56
CA HIS A 666 -4.95 15.95 25.64
C HIS A 666 -4.19 16.39 24.41
N PRO A 667 -3.07 15.70 24.10
CA PRO A 667 -2.22 16.01 22.96
C PRO A 667 -2.71 15.48 21.62
N HIS A 668 -2.09 16.03 20.58
CA HIS A 668 -2.34 15.70 19.18
C HIS A 668 -0.99 15.96 18.56
N PHE A 669 -0.63 15.19 17.55
CA PHE A 669 0.67 15.39 16.98
C PHE A 669 0.76 15.69 15.50
N VAL A 670 1.28 16.86 15.15
CA VAL A 670 1.46 17.15 13.73
C VAL A 670 2.94 17.08 13.39
N ARG A 671 3.26 16.41 12.29
CA ARG A 671 4.64 16.23 11.85
C ARG A 671 4.87 16.84 10.49
N CYS A 672 5.45 18.04 10.47
CA CYS A 672 5.79 18.72 9.24
C CYS A 672 7.09 18.16 8.74
N ILE A 673 7.32 18.21 7.44
CA ILE A 673 8.51 17.59 6.91
C ILE A 673 9.17 18.19 5.68
N ILE A 674 10.48 18.41 5.81
CA ILE A 674 11.29 18.93 4.73
C ILE A 674 11.50 17.79 3.71
N PRO A 675 10.94 17.93 2.49
CA PRO A 675 11.08 16.90 1.45
C PRO A 675 12.43 16.91 0.73
N ASN A 676 13.01 18.09 0.59
CA ASN A 676 14.30 18.16 -0.08
C ASN A 676 15.11 19.35 0.34
N GLU A 677 16.41 19.25 0.15
CA GLU A 677 17.31 20.33 0.49
C GLU A 677 17.10 21.52 -0.44
N LEU A 678 16.67 21.23 -1.67
CA LEU A 678 16.44 22.28 -2.66
C LEU A 678 14.96 22.46 -3.03
N LYS A 679 14.33 23.58 -2.65
CA LYS A 679 12.93 23.82 -2.97
C LYS A 679 12.61 23.30 -4.36
N THR A 680 12.17 22.07 -4.46
CA THR A 680 11.90 21.50 -5.77
C THR A 680 10.71 20.63 -5.61
N PRO A 681 9.53 21.25 -5.51
CA PRO A 681 8.23 20.59 -5.36
C PRO A 681 8.14 19.18 -5.95
N GLY A 682 7.40 18.33 -5.27
CA GLY A 682 7.24 16.97 -5.73
C GLY A 682 8.51 16.16 -5.67
N LEU A 683 9.55 16.63 -4.98
CA LEU A 683 10.76 15.82 -4.90
C LEU A 683 10.98 15.28 -3.49
N ILE A 684 11.47 14.06 -3.41
CA ILE A 684 11.74 13.40 -2.14
C ILE A 684 13.20 12.95 -2.03
N ASP A 685 13.79 13.24 -0.89
CA ASP A 685 15.15 12.82 -0.59
C ASP A 685 14.89 11.78 0.50
N ALA A 686 15.14 10.51 0.19
CA ALA A 686 14.89 9.46 1.17
C ALA A 686 15.60 9.69 2.51
N ALA A 687 16.91 9.94 2.44
CA ALA A 687 17.69 10.16 3.65
C ALA A 687 17.15 11.28 4.55
N LEU A 688 16.97 12.49 4.00
CA LEU A 688 16.47 13.61 4.80
C LEU A 688 15.13 13.25 5.45
N VAL A 689 14.23 12.65 4.69
CA VAL A 689 12.92 12.24 5.19
C VAL A 689 13.04 11.17 6.28
N LEU A 690 13.72 10.08 5.99
CA LEU A 690 13.89 9.07 7.02
C LEU A 690 14.47 9.76 8.23
N HIS A 691 15.61 10.43 8.07
CA HIS A 691 16.20 11.09 9.23
C HIS A 691 15.12 11.77 10.06
N GLN A 692 14.28 12.58 9.42
CA GLN A 692 13.23 13.27 10.15
C GLN A 692 12.29 12.29 10.80
N LEU A 693 12.05 11.17 10.16
CA LEU A 693 11.14 10.18 10.71
C LEU A 693 11.63 9.55 12.02
N ARG A 694 12.90 9.15 12.09
CA ARG A 694 13.40 8.54 13.32
C ARG A 694 13.38 9.51 14.46
N CYS A 695 13.64 10.80 14.17
CA CYS A 695 13.61 11.83 15.19
C CYS A 695 12.16 12.13 15.51
N ASN A 696 11.41 12.48 14.48
CA ASN A 696 9.99 12.76 14.60
C ASN A 696 9.27 12.07 15.71
N GLY A 697 9.48 10.76 15.77
CA GLY A 697 8.81 9.90 16.73
C GLY A 697 7.89 9.06 15.88
N VAL A 698 7.83 9.40 14.60
CA VAL A 698 6.97 8.69 13.66
C VAL A 698 7.37 7.25 13.62
N LEU A 699 8.64 7.02 13.36
CA LEU A 699 9.11 5.64 13.27
C LEU A 699 9.07 4.88 14.61
N GLU A 700 9.18 5.59 15.73
CA GLU A 700 9.12 4.89 17.00
C GLU A 700 7.73 4.33 17.15
N GLY A 701 6.73 5.07 16.70
CA GLY A 701 5.38 4.59 16.84
C GLY A 701 5.21 3.32 16.05
N ILE A 702 5.78 3.30 14.86
CA ILE A 702 5.65 2.12 14.03
C ILE A 702 6.29 0.97 14.74
N ARG A 703 7.35 1.24 15.48
CA ARG A 703 8.04 0.16 16.17
C ARG A 703 7.10 -0.45 17.19
N ILE A 704 6.39 0.41 17.88
CA ILE A 704 5.46 -0.01 18.92
C ILE A 704 4.26 -0.71 18.32
N CYS A 705 3.68 -0.12 17.26
CA CYS A 705 2.54 -0.75 16.62
C CYS A 705 3.01 -2.15 16.24
N ARG A 706 4.27 -2.23 15.86
CA ARG A 706 4.84 -3.48 15.40
C ARG A 706 4.60 -4.62 16.35
N LYS A 707 5.08 -4.50 17.59
CA LYS A 707 4.94 -5.57 18.58
C LYS A 707 3.50 -5.97 18.84
N GLY A 708 2.57 -5.06 18.62
CA GLY A 708 1.16 -5.39 18.84
C GLY A 708 0.41 -5.81 17.58
N PHE A 709 -0.88 -5.59 17.57
CA PHE A 709 -1.73 -5.92 16.44
C PHE A 709 -2.14 -4.61 15.77
N PRO A 710 -1.39 -4.19 14.75
CA PRO A 710 -1.65 -2.93 14.03
C PRO A 710 -2.77 -2.95 13.02
N ASN A 711 -3.04 -4.11 12.45
CA ASN A 711 -4.11 -4.21 11.48
C ASN A 711 -5.36 -4.65 12.19
N ARG A 712 -6.45 -3.94 11.93
CA ARG A 712 -7.70 -4.27 12.57
C ARG A 712 -8.80 -4.04 11.58
N ILE A 713 -9.53 -5.11 11.33
CA ILE A 713 -10.59 -5.03 10.36
C ILE A 713 -11.98 -5.29 10.91
N ILE A 714 -12.95 -4.55 10.40
CA ILE A 714 -14.32 -4.77 10.80
C ILE A 714 -14.68 -6.07 10.10
N TYR A 715 -15.47 -6.90 10.76
CA TYR A 715 -15.85 -8.16 10.17
C TYR A 715 -16.42 -8.05 8.79
N SER A 716 -17.17 -6.99 8.51
CA SER A 716 -17.71 -6.80 7.17
C SER A 716 -16.58 -6.54 6.15
N GLU A 717 -15.70 -5.59 6.42
CA GLU A 717 -14.62 -5.31 5.48
C GLU A 717 -13.91 -6.62 5.19
N PHE A 718 -13.89 -7.51 6.18
CA PHE A 718 -13.25 -8.81 6.00
C PHE A 718 -14.15 -9.74 5.22
N LYS A 719 -15.43 -9.73 5.58
CA LYS A 719 -16.43 -10.53 4.92
C LYS A 719 -16.33 -10.18 3.45
N GLN A 720 -16.39 -8.90 3.10
CA GLN A 720 -16.35 -8.57 1.68
C GLN A 720 -15.05 -8.91 0.96
N ARG A 721 -13.94 -9.00 1.67
CA ARG A 721 -12.65 -9.25 1.02
C ARG A 721 -12.10 -10.68 0.92
N TYR A 722 -12.38 -11.54 1.90
CA TYR A 722 -11.78 -12.86 1.84
C TYR A 722 -12.67 -14.05 1.72
N SER A 723 -13.98 -13.85 1.80
CA SER A 723 -14.90 -14.98 1.68
C SER A 723 -14.47 -15.88 0.52
N ILE A 724 -14.05 -15.27 -0.58
CA ILE A 724 -13.62 -16.04 -1.71
C ILE A 724 -12.61 -17.09 -1.24
N LEU A 725 -11.98 -16.87 -0.09
CA LEU A 725 -10.99 -17.82 0.40
C LEU A 725 -11.56 -19.10 1.02
N ALA A 726 -12.82 -19.06 1.42
CA ALA A 726 -13.47 -20.21 2.03
C ALA A 726 -14.96 -20.03 1.79
N PRO A 727 -15.33 -19.95 0.51
CA PRO A 727 -16.72 -19.77 0.12
C PRO A 727 -17.60 -20.90 0.58
N ASN A 728 -18.89 -20.62 0.62
CA ASN A 728 -19.89 -21.61 1.00
C ASN A 728 -21.27 -21.18 0.54
N ALA A 729 -22.17 -22.14 0.43
CA ALA A 729 -23.53 -21.94 -0.06
C ALA A 729 -24.49 -21.02 0.70
N VAL A 730 -24.11 -20.56 1.89
CA VAL A 730 -25.01 -19.67 2.66
C VAL A 730 -25.03 -18.32 1.97
N PRO A 731 -26.18 -17.89 1.45
CA PRO A 731 -26.33 -16.62 0.76
C PRO A 731 -25.59 -15.52 1.45
N SER A 732 -24.59 -14.99 0.78
CA SER A 732 -23.76 -13.92 1.30
C SER A 732 -24.45 -12.94 2.29
N GLY A 733 -25.69 -12.55 2.01
CA GLY A 733 -26.35 -11.61 2.92
C GLY A 733 -26.86 -12.10 4.27
N PHE A 734 -27.39 -13.31 4.38
CA PHE A 734 -27.90 -13.78 5.67
C PHE A 734 -26.73 -14.17 6.54
N ALA A 735 -25.53 -14.19 5.96
CA ALA A 735 -24.34 -14.56 6.72
C ALA A 735 -23.74 -13.52 7.71
N ASP A 736 -23.19 -14.00 8.82
CA ASP A 736 -22.55 -13.10 9.80
C ASP A 736 -21.06 -12.88 9.56
N GLY A 737 -20.66 -11.62 9.60
CA GLY A 737 -19.26 -11.29 9.38
C GLY A 737 -18.29 -12.03 10.27
N LYS A 738 -18.44 -11.91 11.57
CA LYS A 738 -17.52 -12.56 12.46
C LYS A 738 -17.42 -14.05 12.14
N VAL A 739 -18.56 -14.73 12.00
CA VAL A 739 -18.56 -16.15 11.66
C VAL A 739 -17.71 -16.43 10.42
N VAL A 740 -17.96 -15.68 9.35
CA VAL A 740 -17.17 -15.90 8.15
C VAL A 740 -15.70 -15.62 8.39
N THR A 741 -15.42 -14.53 9.09
CA THR A 741 -14.04 -14.15 9.37
C THR A 741 -13.35 -15.28 10.10
N ASP A 742 -14.05 -15.77 11.13
CA ASP A 742 -13.56 -16.85 11.96
C ASP A 742 -13.29 -18.03 11.05
N LYS A 743 -14.33 -18.53 10.42
CA LYS A 743 -14.19 -19.68 9.54
C LYS A 743 -13.16 -19.56 8.43
N ALA A 744 -12.90 -18.35 7.94
CA ALA A 744 -11.91 -18.26 6.87
C ALA A 744 -10.55 -18.45 7.46
N LEU A 745 -10.34 -17.87 8.62
CA LEU A 745 -9.03 -17.98 9.27
C LEU A 745 -8.65 -19.40 9.75
N SER A 746 -9.62 -20.21 10.17
CA SER A 746 -9.28 -21.58 10.58
C SER A 746 -8.82 -22.33 9.32
N ALA A 747 -9.72 -22.42 8.35
CA ALA A 747 -9.43 -23.08 7.10
C ALA A 747 -8.04 -22.78 6.61
N LEU A 748 -7.51 -21.60 6.85
CA LEU A 748 -6.16 -21.38 6.36
C LEU A 748 -5.09 -21.83 7.38
N GLN A 749 -5.57 -22.40 8.49
CA GLN A 749 -4.72 -22.90 9.57
C GLN A 749 -3.66 -21.87 9.89
N LEU A 750 -4.12 -20.65 10.15
CA LEU A 750 -3.19 -19.57 10.44
C LEU A 750 -2.97 -19.56 11.92
N ASP A 751 -1.72 -19.37 12.31
CA ASP A 751 -1.36 -19.34 13.73
C ASP A 751 -2.23 -18.42 14.58
N PRO A 752 -2.89 -18.98 15.61
CA PRO A 752 -3.76 -18.24 16.53
C PRO A 752 -3.05 -17.06 17.16
N ASN A 753 -1.73 -17.12 17.18
CA ASN A 753 -0.94 -16.05 17.74
C ASN A 753 -0.97 -14.91 16.75
N GLU A 754 -1.04 -15.26 15.47
CA GLU A 754 -1.07 -14.25 14.43
C GLU A 754 -2.33 -13.37 14.38
N TYR A 755 -3.29 -13.57 15.28
CA TYR A 755 -4.49 -12.74 15.30
C TYR A 755 -5.39 -12.93 16.50
N ARG A 756 -6.28 -11.97 16.73
CA ARG A 756 -7.24 -12.03 17.83
C ARG A 756 -8.58 -11.49 17.40
N LEU A 757 -9.65 -12.03 17.96
CA LEU A 757 -10.98 -11.59 17.57
C LEU A 757 -11.71 -10.63 18.51
N GLY A 758 -11.96 -9.41 18.04
CA GLY A 758 -12.65 -8.44 18.88
C GLY A 758 -14.13 -8.35 18.57
N ASN A 759 -14.88 -7.73 19.46
CA ASN A 759 -16.32 -7.59 19.28
C ASN A 759 -16.73 -6.99 17.96
N THR A 760 -15.85 -6.24 17.34
CA THR A 760 -16.27 -5.67 16.07
C THR A 760 -15.19 -5.76 15.02
N LYS A 761 -13.97 -6.10 15.42
CA LYS A 761 -12.91 -6.19 14.43
C LYS A 761 -11.99 -7.34 14.73
N VAL A 762 -11.27 -7.83 13.72
CA VAL A 762 -10.29 -8.90 13.93
C VAL A 762 -8.92 -8.25 13.81
N PHE A 763 -8.14 -8.36 14.88
CA PHE A 763 -6.81 -7.78 14.91
C PHE A 763 -5.80 -8.72 14.31
N PHE A 764 -4.97 -8.18 13.43
CA PHE A 764 -3.92 -8.96 12.81
C PHE A 764 -2.57 -8.46 13.20
N LYS A 765 -1.54 -9.21 12.86
CA LYS A 765 -0.19 -8.80 13.16
C LYS A 765 0.43 -8.35 11.84
N ALA A 766 1.71 -8.63 11.67
CA ALA A 766 2.38 -8.23 10.46
C ALA A 766 2.28 -9.28 9.40
N GLY A 767 2.02 -8.84 8.17
CA GLY A 767 1.92 -9.75 7.05
C GLY A 767 0.66 -10.59 6.96
N VAL A 768 -0.14 -10.67 8.04
CA VAL A 768 -1.32 -11.50 7.95
C VAL A 768 -2.06 -11.05 6.71
N LEU A 769 -2.54 -9.82 6.70
CA LEU A 769 -3.23 -9.34 5.51
C LEU A 769 -2.35 -9.51 4.26
N GLY A 770 -1.05 -9.49 4.50
CA GLY A 770 -0.11 -9.61 3.41
C GLY A 770 -0.28 -10.95 2.76
N MET A 771 -0.41 -11.97 3.59
CA MET A 771 -0.58 -13.31 3.10
C MET A 771 -1.97 -13.41 2.49
N LEU A 772 -2.98 -13.12 3.30
CA LEU A 772 -4.35 -13.18 2.83
C LEU A 772 -4.53 -12.52 1.47
N GLU A 773 -3.92 -11.36 1.28
CA GLU A 773 -4.09 -10.71 -0.01
C GLU A 773 -3.54 -11.59 -1.12
N ASP A 774 -2.37 -12.18 -0.88
CA ASP A 774 -1.74 -13.03 -1.87
C ASP A 774 -2.44 -14.36 -2.14
N MET A 775 -3.19 -14.87 -1.17
CA MET A 775 -3.89 -16.14 -1.35
C MET A 775 -5.15 -15.92 -2.18
N ARG A 776 -5.71 -14.74 -2.05
CA ARG A 776 -6.90 -14.38 -2.77
C ARG A 776 -6.54 -14.20 -4.24
N ASP A 777 -5.44 -13.51 -4.52
CA ASP A 777 -5.09 -13.32 -5.93
C ASP A 777 -4.98 -14.69 -6.52
N GLU A 778 -4.36 -15.56 -5.76
CA GLU A 778 -4.14 -16.96 -6.14
C GLU A 778 -5.47 -17.64 -6.40
N ARG A 779 -6.24 -17.72 -5.34
CA ARG A 779 -7.52 -18.36 -5.39
C ARG A 779 -8.41 -17.86 -6.51
N LEU A 780 -8.46 -16.55 -6.69
CA LEU A 780 -9.30 -15.97 -7.73
C LEU A 780 -8.89 -16.46 -9.10
N SER A 781 -7.58 -16.51 -9.34
CA SER A 781 -7.10 -16.95 -10.63
C SER A 781 -7.54 -18.39 -10.85
N LYS A 782 -7.40 -19.22 -9.81
CA LYS A 782 -7.82 -20.61 -9.95
C LYS A 782 -9.29 -20.68 -10.27
N ILE A 783 -10.12 -19.97 -9.52
CA ILE A 783 -11.54 -19.98 -9.80
C ILE A 783 -11.91 -19.51 -11.19
N ILE A 784 -11.09 -18.69 -11.84
CA ILE A 784 -11.46 -18.28 -13.18
C ILE A 784 -11.17 -19.38 -14.18
N SER A 785 -10.02 -20.05 -13.99
CA SER A 785 -9.66 -21.14 -14.90
C SER A 785 -10.79 -22.15 -14.86
N MET A 786 -11.24 -22.42 -13.63
CA MET A 786 -12.32 -23.35 -13.37
C MET A 786 -13.58 -22.93 -14.12
N PHE A 787 -13.98 -21.67 -14.02
CA PHE A 787 -15.18 -21.29 -14.73
C PHE A 787 -14.94 -21.56 -16.18
N GLN A 788 -13.80 -21.13 -16.67
CA GLN A 788 -13.48 -21.41 -18.05
C GLN A 788 -13.64 -22.91 -18.28
N ALA A 789 -13.17 -23.69 -17.32
CA ALA A 789 -13.29 -25.15 -17.39
C ALA A 789 -14.75 -25.58 -17.62
N HIS A 790 -15.68 -24.93 -16.92
CA HIS A 790 -17.11 -25.26 -17.06
C HIS A 790 -17.71 -24.83 -18.38
N ILE A 791 -17.06 -23.88 -19.03
CA ILE A 791 -17.55 -23.42 -20.30
C ILE A 791 -17.11 -24.43 -21.32
N ARG A 792 -15.82 -24.72 -21.34
CA ARG A 792 -15.30 -25.69 -22.26
C ARG A 792 -16.13 -26.96 -22.12
N GLY A 793 -16.54 -27.25 -20.89
CA GLY A 793 -17.35 -28.42 -20.67
C GLY A 793 -18.72 -28.28 -21.27
N TYR A 794 -19.24 -27.06 -21.27
CA TYR A 794 -20.55 -26.83 -21.85
C TYR A 794 -20.43 -26.89 -23.37
N LEU A 795 -19.50 -26.12 -23.91
CA LEU A 795 -19.33 -26.09 -25.34
C LEU A 795 -19.14 -27.45 -25.94
N MET A 796 -18.32 -28.29 -25.31
CA MET A 796 -18.08 -29.63 -25.83
C MET A 796 -19.27 -30.54 -25.65
N ARG A 797 -19.85 -30.52 -24.44
CA ARG A 797 -20.99 -31.35 -24.18
C ARG A 797 -22.14 -31.07 -25.12
N LYS A 798 -22.06 -29.93 -25.79
CA LYS A 798 -23.07 -29.56 -26.74
C LYS A 798 -22.64 -30.23 -28.03
N ALA A 799 -21.36 -30.15 -28.37
CA ALA A 799 -20.93 -30.76 -29.62
C ALA A 799 -21.12 -32.26 -29.57
N TYR A 800 -21.10 -32.80 -28.36
CA TYR A 800 -21.26 -34.24 -28.21
C TYR A 800 -22.52 -34.76 -28.89
N LYS A 801 -23.67 -34.13 -28.64
CA LYS A 801 -24.89 -34.62 -29.26
C LYS A 801 -24.73 -34.62 -30.76
N LYS A 802 -24.10 -33.58 -31.31
CA LYS A 802 -23.93 -33.56 -32.76
C LYS A 802 -23.12 -34.77 -33.22
N LEU A 803 -21.89 -34.85 -32.72
CA LEU A 803 -21.01 -35.94 -33.06
C LEU A 803 -21.76 -37.24 -32.98
N GLN A 804 -22.57 -37.37 -31.95
CA GLN A 804 -23.34 -38.57 -31.77
C GLN A 804 -24.19 -38.74 -33.01
N ASP A 805 -24.92 -37.69 -33.38
CA ASP A 805 -25.76 -37.76 -34.56
C ASP A 805 -24.92 -38.15 -35.76
N GLN A 806 -23.88 -37.38 -36.01
CA GLN A 806 -22.99 -37.64 -37.14
C GLN A 806 -22.29 -38.99 -37.21
N ARG A 807 -22.33 -39.77 -36.14
CA ARG A 807 -21.72 -41.09 -36.17
C ARG A 807 -22.80 -41.97 -36.78
N ILE A 808 -24.05 -41.66 -36.41
CA ILE A 808 -25.20 -42.38 -36.92
C ILE A 808 -25.16 -42.29 -38.42
N GLY A 809 -24.91 -41.07 -38.89
CA GLY A 809 -24.85 -40.87 -40.32
C GLY A 809 -23.74 -41.65 -40.99
N LEU A 810 -22.51 -41.20 -40.79
CA LEU A 810 -21.37 -41.86 -41.42
C LEU A 810 -21.50 -43.38 -41.39
N THR A 811 -21.89 -43.96 -40.27
CA THR A 811 -22.01 -45.41 -40.25
C THR A 811 -22.92 -45.82 -41.38
N LEU A 812 -24.00 -45.07 -41.59
CA LEU A 812 -24.93 -45.39 -42.64
C LEU A 812 -24.23 -45.30 -43.99
N ILE A 813 -23.48 -44.24 -44.17
CA ILE A 813 -22.80 -44.03 -45.42
C ILE A 813 -21.71 -45.02 -45.77
N GLN A 814 -21.02 -45.56 -44.79
CA GLN A 814 -19.98 -46.52 -45.13
C GLN A 814 -20.66 -47.89 -45.22
N ARG A 815 -21.65 -48.12 -44.38
CA ARG A 815 -22.38 -49.38 -44.36
C ARG A 815 -23.36 -49.40 -45.53
N ASN A 816 -23.38 -48.32 -46.30
CA ASN A 816 -24.28 -48.26 -47.44
C ASN A 816 -23.50 -48.20 -48.72
N VAL A 817 -22.35 -47.53 -48.68
CA VAL A 817 -21.53 -47.45 -49.87
C VAL A 817 -20.86 -48.83 -50.09
N ARG A 818 -20.10 -49.28 -49.10
CA ARG A 818 -19.42 -50.56 -49.22
C ARG A 818 -20.28 -51.66 -49.82
N LYS A 819 -21.55 -51.76 -49.43
CA LYS A 819 -22.34 -52.84 -50.00
C LYS A 819 -22.50 -52.49 -51.47
N TRP A 820 -22.72 -51.21 -51.77
CA TRP A 820 -22.82 -50.79 -53.16
C TRP A 820 -21.55 -51.11 -53.96
N LEU A 821 -20.38 -50.86 -53.38
CA LEU A 821 -19.18 -51.20 -54.12
C LEU A 821 -19.16 -52.70 -54.40
N VAL A 822 -19.77 -53.50 -53.53
CA VAL A 822 -19.83 -54.93 -53.78
C VAL A 822 -20.95 -55.16 -54.79
N LEU A 823 -22.17 -55.03 -54.29
CA LEU A 823 -23.37 -55.24 -55.08
C LEU A 823 -23.35 -54.78 -56.53
N ARG A 824 -22.59 -53.75 -56.88
CA ARG A 824 -22.57 -53.29 -58.26
C ARG A 824 -22.05 -54.35 -59.21
N ASN A 825 -21.78 -55.57 -58.71
CA ASN A 825 -21.29 -56.66 -59.55
C ASN A 825 -21.99 -58.01 -59.41
N TRP A 826 -23.17 -58.00 -58.79
CA TRP A 826 -23.93 -59.22 -58.56
C TRP A 826 -24.96 -59.35 -59.66
N GLU A 827 -24.57 -59.91 -60.81
CA GLU A 827 -25.52 -60.03 -61.91
C GLU A 827 -26.97 -59.86 -61.49
N TRP A 828 -27.42 -60.74 -60.62
CA TRP A 828 -28.79 -60.69 -60.11
C TRP A 828 -29.12 -59.27 -59.67
N TRP A 829 -28.16 -58.60 -59.02
CA TRP A 829 -28.33 -57.23 -58.57
C TRP A 829 -28.67 -56.34 -59.76
N ARG A 830 -27.97 -56.53 -60.87
CA ARG A 830 -28.26 -55.71 -62.04
C ARG A 830 -29.72 -55.90 -62.45
N LEU A 831 -30.17 -57.14 -62.43
CA LEU A 831 -31.52 -57.48 -62.84
C LEU A 831 -32.67 -56.81 -62.12
N PHE A 832 -32.86 -57.05 -60.82
CA PHE A 832 -34.00 -56.39 -60.19
C PHE A 832 -33.83 -54.86 -60.24
N ASN A 833 -32.73 -54.44 -60.87
CA ASN A 833 -32.43 -53.02 -61.05
C ASN A 833 -32.93 -52.64 -62.45
N LYS A 834 -33.28 -53.67 -63.20
CA LYS A 834 -33.82 -53.52 -64.53
C LYS A 834 -35.20 -54.17 -64.42
N VAL A 835 -35.22 -55.45 -64.04
CA VAL A 835 -36.45 -56.22 -63.89
C VAL A 835 -37.62 -55.45 -63.27
N LYS A 836 -37.34 -54.42 -62.48
CA LYS A 836 -38.46 -53.69 -61.88
C LYS A 836 -38.88 -52.35 -62.48
N PRO A 837 -37.92 -51.51 -62.88
CA PRO A 837 -38.46 -50.26 -63.45
C PRO A 837 -39.44 -50.71 -64.51
N LEU A 838 -39.25 -51.94 -64.97
CA LEU A 838 -40.10 -52.55 -66.00
C LEU A 838 -41.26 -53.37 -65.42
N LEU A 839 -41.76 -53.00 -64.25
CA LEU A 839 -42.86 -53.73 -63.64
C LEU A 839 -44.23 -53.38 -64.22
N ARG B 7 -30.88 -57.76 -41.04
CA ARG B 7 -31.08 -59.03 -41.83
C ARG B 7 -32.54 -59.30 -42.24
N VAL B 8 -33.38 -59.85 -41.35
CA VAL B 8 -34.77 -60.04 -41.79
C VAL B 8 -35.13 -58.74 -42.42
N LYS B 9 -34.36 -57.69 -42.12
CA LYS B 9 -34.66 -56.40 -42.65
C LYS B 9 -34.82 -56.38 -44.14
N LEU B 10 -35.06 -57.57 -44.63
CA LEU B 10 -35.44 -57.82 -45.98
C LEU B 10 -36.90 -57.79 -45.55
N SER B 11 -37.43 -56.57 -45.46
CA SER B 11 -38.77 -56.25 -45.02
C SER B 11 -39.82 -56.43 -46.11
N GLN B 12 -41.01 -55.88 -45.91
CA GLN B 12 -42.05 -56.03 -46.91
C GLN B 12 -41.80 -55.25 -48.19
N ARG B 13 -41.52 -53.95 -48.08
CA ARG B 13 -41.26 -53.13 -49.26
C ARG B 13 -40.14 -53.79 -50.04
N GLN B 14 -39.21 -54.37 -49.29
CA GLN B 14 -38.09 -55.05 -49.88
C GLN B 14 -38.53 -56.43 -50.37
N MET B 15 -39.47 -57.05 -49.67
CA MET B 15 -39.93 -58.38 -50.05
C MET B 15 -41.06 -58.49 -51.05
N GLN B 16 -41.73 -57.40 -51.41
CA GLN B 16 -42.82 -57.52 -52.38
C GLN B 16 -42.25 -56.99 -53.68
N GLU B 17 -41.36 -56.03 -53.55
CA GLU B 17 -40.70 -55.45 -54.70
C GLU B 17 -39.95 -56.62 -55.31
N LEU B 18 -39.58 -57.57 -54.47
CA LEU B 18 -38.87 -58.73 -54.98
C LEU B 18 -39.88 -59.75 -55.51
N LYS B 19 -41.15 -59.57 -55.14
CA LYS B 19 -42.20 -60.46 -55.61
C LYS B 19 -42.54 -60.18 -57.09
N GLU B 20 -42.80 -58.93 -57.45
CA GLU B 20 -43.11 -58.62 -58.84
C GLU B 20 -41.91 -58.98 -59.70
N ALA B 21 -40.72 -58.74 -59.17
CA ALA B 21 -39.47 -59.04 -59.88
C ALA B 21 -39.39 -60.50 -60.35
N PHE B 22 -39.45 -61.44 -59.41
CA PHE B 22 -39.37 -62.86 -59.75
C PHE B 22 -40.57 -63.30 -60.57
N THR B 23 -41.71 -62.65 -60.37
CA THR B 23 -42.93 -62.99 -61.08
C THR B 23 -42.90 -62.58 -62.56
N MET B 24 -42.04 -61.65 -62.95
CA MET B 24 -41.98 -61.24 -64.36
C MET B 24 -41.10 -62.21 -65.12
N ILE B 25 -39.87 -62.36 -64.62
CA ILE B 25 -38.89 -63.26 -65.23
C ILE B 25 -39.68 -64.53 -65.53
N ASP B 26 -40.89 -64.54 -64.98
CA ASP B 26 -41.89 -65.58 -65.07
C ASP B 26 -42.54 -65.70 -66.45
N GLN B 27 -43.45 -66.67 -66.51
CA GLN B 27 -44.22 -67.11 -67.67
C GLN B 27 -43.91 -68.46 -67.10
N ASP B 28 -44.53 -68.77 -65.96
CA ASP B 28 -44.03 -69.93 -65.29
C ASP B 28 -44.39 -71.27 -64.83
N ARG B 29 -43.22 -71.91 -64.77
CA ARG B 29 -42.94 -73.24 -64.30
C ARG B 29 -43.29 -73.08 -62.84
N ASP B 30 -44.60 -73.13 -62.63
CA ASP B 30 -45.24 -73.01 -61.33
C ASP B 30 -44.31 -72.40 -60.30
N GLY B 31 -43.78 -71.24 -60.66
CA GLY B 31 -42.90 -70.51 -59.78
C GLY B 31 -41.42 -70.88 -59.78
N PHE B 32 -40.76 -70.72 -60.92
CA PHE B 32 -39.33 -71.03 -60.96
C PHE B 32 -38.57 -70.13 -61.90
N ILE B 33 -37.87 -69.16 -61.31
CA ILE B 33 -37.04 -68.24 -62.11
C ILE B 33 -36.28 -69.21 -62.94
N GLY B 34 -36.69 -69.31 -64.18
CA GLY B 34 -36.04 -70.28 -65.02
C GLY B 34 -34.95 -69.83 -65.94
N MET B 35 -34.13 -70.78 -66.38
CA MET B 35 -33.08 -70.51 -67.35
C MET B 35 -33.82 -69.83 -68.49
N GLU B 36 -34.96 -70.40 -68.82
CA GLU B 36 -35.82 -69.86 -69.87
C GLU B 36 -36.48 -68.58 -69.41
N ASP B 37 -37.15 -68.63 -68.26
CA ASP B 37 -37.78 -67.45 -67.74
C ASP B 37 -36.73 -66.36 -67.77
N LEU B 38 -35.48 -66.78 -67.60
CA LEU B 38 -34.33 -65.87 -67.65
C LEU B 38 -33.94 -65.40 -69.05
N LYS B 39 -33.64 -66.36 -69.93
CA LYS B 39 -33.26 -66.05 -71.31
C LYS B 39 -34.37 -65.26 -71.95
N ASP B 40 -35.61 -65.52 -71.55
CA ASP B 40 -36.79 -64.81 -72.08
C ASP B 40 -36.81 -63.36 -71.60
N MET B 41 -36.20 -63.13 -70.45
CA MET B 41 -36.13 -61.79 -69.87
C MET B 41 -34.96 -60.98 -70.44
N PHE B 42 -33.74 -61.46 -70.23
CA PHE B 42 -32.56 -60.77 -70.74
C PHE B 42 -32.75 -60.45 -72.22
N SER B 43 -33.84 -60.95 -72.79
CA SER B 43 -34.17 -60.69 -74.18
C SER B 43 -34.91 -59.36 -74.18
N SER B 44 -36.02 -59.30 -73.45
CA SER B 44 -36.79 -58.07 -73.37
C SER B 44 -35.99 -57.03 -72.59
N LEU B 45 -34.87 -57.46 -72.03
CA LEU B 45 -34.00 -56.54 -71.30
C LEU B 45 -33.13 -55.95 -72.39
N GLY B 46 -32.75 -56.81 -73.33
CA GLY B 46 -31.93 -56.44 -74.47
C GLY B 46 -30.44 -56.40 -74.16
N ARG B 47 -29.78 -57.56 -73.97
CA ARG B 47 -28.35 -57.51 -73.62
C ARG B 47 -27.27 -58.53 -74.05
N VAL B 48 -27.47 -59.83 -73.86
CA VAL B 48 -26.47 -60.88 -74.21
C VAL B 48 -26.52 -62.01 -73.17
N PRO B 49 -27.01 -63.20 -73.58
CA PRO B 49 -27.14 -64.39 -72.73
C PRO B 49 -26.13 -65.51 -72.91
N PRO B 50 -25.16 -65.63 -71.98
CA PRO B 50 -24.14 -66.68 -72.04
C PRO B 50 -24.46 -67.88 -71.14
N ASP B 51 -24.58 -69.08 -71.72
CA ASP B 51 -24.92 -70.28 -70.94
C ASP B 51 -24.15 -70.52 -69.67
N ASP B 52 -22.91 -71.03 -69.77
CA ASP B 52 -22.06 -71.29 -68.59
C ASP B 52 -22.50 -70.29 -67.53
N GLU B 53 -22.40 -69.02 -67.93
CA GLU B 53 -22.76 -67.88 -67.09
C GLU B 53 -24.18 -68.03 -66.58
N LEU B 54 -25.16 -67.76 -67.43
CA LEU B 54 -26.57 -67.87 -67.05
C LEU B 54 -26.78 -68.97 -66.02
N ASN B 55 -25.99 -70.04 -66.14
CA ASN B 55 -26.02 -71.17 -65.19
C ASN B 55 -25.32 -70.77 -63.89
N ALA B 56 -24.23 -70.02 -64.02
CA ALA B 56 -23.46 -69.52 -62.87
C ALA B 56 -24.37 -68.75 -61.92
N MET B 57 -25.42 -68.18 -62.47
CA MET B 57 -26.39 -67.45 -61.67
C MET B 57 -27.18 -68.46 -60.85
N LEU B 58 -27.33 -69.67 -61.40
CA LEU B 58 -28.02 -70.69 -60.67
C LEU B 58 -27.20 -71.12 -59.45
N LYS B 59 -25.97 -71.63 -59.67
CA LYS B 59 -25.13 -72.11 -58.56
C LYS B 59 -25.35 -71.39 -57.25
N GLU B 60 -25.64 -70.10 -57.33
CA GLU B 60 -25.87 -69.33 -56.13
C GLU B 60 -26.91 -70.00 -55.23
N CYS B 61 -28.07 -70.38 -55.77
CA CYS B 61 -29.03 -71.09 -54.91
C CYS B 61 -28.67 -72.58 -55.01
N PRO B 62 -28.83 -73.35 -53.91
CA PRO B 62 -28.50 -74.78 -53.95
C PRO B 62 -29.02 -75.37 -55.24
N GLY B 63 -30.33 -75.21 -55.41
CA GLY B 63 -30.98 -75.73 -56.59
C GLY B 63 -32.48 -75.53 -56.55
N GLN B 64 -32.99 -75.01 -57.66
CA GLN B 64 -34.40 -74.72 -57.85
C GLN B 64 -34.85 -73.50 -57.08
N LEU B 65 -34.88 -72.38 -57.80
CA LEU B 65 -35.25 -71.08 -57.29
C LEU B 65 -36.75 -70.74 -57.32
N ASN B 66 -37.48 -71.02 -56.25
CA ASN B 66 -38.89 -70.63 -56.23
C ASN B 66 -38.80 -69.13 -55.98
N PHE B 67 -39.10 -68.69 -54.77
CA PHE B 67 -38.99 -67.28 -54.40
C PHE B 67 -38.57 -67.29 -52.95
N THR B 68 -38.93 -68.38 -52.27
CA THR B 68 -38.56 -68.58 -50.89
C THR B 68 -37.06 -68.56 -50.93
N ALA B 69 -36.53 -69.08 -52.02
CA ALA B 69 -35.09 -69.12 -52.24
C ALA B 69 -34.66 -67.81 -52.82
N PHE B 70 -35.60 -67.10 -53.42
CA PHE B 70 -35.27 -65.83 -54.04
C PHE B 70 -34.92 -64.80 -52.98
N LEU B 71 -35.61 -64.86 -51.84
CA LEU B 71 -35.35 -63.93 -50.74
C LEU B 71 -34.10 -64.35 -50.02
N THR B 72 -33.87 -65.65 -50.01
CA THR B 72 -32.70 -66.17 -49.35
C THR B 72 -31.49 -65.79 -50.20
N LEU B 73 -31.62 -65.83 -51.52
CA LEU B 73 -30.48 -65.49 -52.37
C LEU B 73 -30.06 -64.07 -52.13
N PHE B 74 -31.04 -63.21 -51.88
CA PHE B 74 -30.77 -61.80 -51.64
C PHE B 74 -30.39 -61.52 -50.19
N GLY B 75 -29.55 -62.42 -49.66
CA GLY B 75 -29.05 -62.31 -48.30
C GLY B 75 -27.63 -61.75 -48.28
N GLU B 76 -27.40 -60.77 -49.15
CA GLU B 76 -26.15 -60.05 -49.29
C GLU B 76 -26.65 -58.62 -49.47
N LYS B 77 -27.90 -58.53 -49.89
CA LYS B 77 -28.59 -57.28 -50.13
C LYS B 77 -29.00 -56.69 -48.80
N VAL B 78 -29.73 -57.48 -48.03
CA VAL B 78 -30.25 -57.06 -46.73
C VAL B 78 -29.28 -56.54 -45.67
N SER B 79 -28.02 -56.98 -45.70
CA SER B 79 -27.06 -56.53 -44.70
C SER B 79 -27.13 -55.01 -44.50
N GLY B 80 -26.57 -54.26 -45.45
CA GLY B 80 -26.64 -52.81 -45.34
C GLY B 80 -28.09 -52.52 -45.62
N THR B 81 -28.39 -52.19 -46.87
CA THR B 81 -29.78 -52.00 -47.20
C THR B 81 -30.49 -50.94 -46.34
N ASP B 82 -29.72 -50.05 -45.71
CA ASP B 82 -30.38 -49.01 -44.91
C ASP B 82 -31.35 -48.39 -45.92
N PRO B 83 -32.43 -47.76 -45.44
CA PRO B 83 -33.39 -47.18 -46.38
C PRO B 83 -33.11 -45.96 -47.24
N GLU B 84 -34.10 -45.71 -48.09
CA GLU B 84 -34.19 -44.60 -49.05
C GLU B 84 -33.68 -43.33 -48.40
N ASP B 85 -34.62 -42.72 -47.69
CA ASP B 85 -34.43 -41.49 -46.99
C ASP B 85 -33.29 -41.54 -46.01
N ALA B 86 -33.36 -42.46 -45.04
CA ALA B 86 -32.30 -42.54 -44.06
C ALA B 86 -30.94 -42.14 -44.62
N LEU B 87 -30.59 -42.61 -45.83
CA LEU B 87 -29.29 -42.27 -46.44
C LEU B 87 -29.20 -40.80 -46.80
N ARG B 88 -30.30 -40.24 -47.27
CA ARG B 88 -30.31 -38.83 -47.64
C ARG B 88 -29.98 -38.02 -46.41
N ASN B 89 -30.76 -38.19 -45.34
CA ASN B 89 -30.48 -37.45 -44.12
C ASN B 89 -29.02 -37.62 -43.73
N ALA B 90 -28.55 -38.87 -43.73
CA ALA B 90 -27.15 -39.13 -43.41
C ALA B 90 -26.23 -38.16 -44.16
N PHE B 91 -26.29 -38.17 -45.49
CA PHE B 91 -25.45 -37.27 -46.27
C PHE B 91 -25.75 -35.84 -45.90
N SER B 92 -27.04 -35.54 -45.74
CA SER B 92 -27.48 -34.21 -45.39
C SER B 92 -26.54 -33.59 -44.37
N MET B 93 -26.51 -34.21 -43.20
CA MET B 93 -25.66 -33.76 -42.10
C MET B 93 -24.38 -33.09 -42.50
N PHE B 94 -23.64 -33.69 -43.43
CA PHE B 94 -22.37 -33.13 -43.85
C PHE B 94 -22.43 -32.12 -44.97
N ASP B 95 -23.63 -31.57 -45.12
CA ASP B 95 -23.88 -30.53 -46.10
C ASP B 95 -24.54 -29.39 -45.36
N GLU B 96 -23.79 -28.31 -45.22
CA GLU B 96 -24.26 -27.13 -44.52
C GLU B 96 -24.84 -26.15 -45.54
N ASP B 97 -24.18 -26.02 -46.68
CA ASP B 97 -24.65 -25.14 -47.75
C ASP B 97 -25.66 -25.94 -48.59
N GLY B 98 -26.94 -25.75 -48.30
CA GLY B 98 -28.02 -26.45 -48.99
C GLY B 98 -27.84 -27.00 -50.40
N GLN B 99 -27.68 -28.32 -50.49
CA GLN B 99 -27.53 -29.05 -51.75
C GLN B 99 -26.65 -28.40 -52.83
N GLY B 100 -26.16 -29.23 -53.74
CA GLY B 100 -25.18 -28.81 -54.73
C GLY B 100 -24.14 -29.67 -54.04
N PHE B 101 -24.59 -29.96 -52.82
CA PHE B 101 -24.06 -30.83 -51.78
C PHE B 101 -22.77 -30.63 -50.98
N ILE B 102 -21.98 -31.69 -50.82
CA ILE B 102 -20.75 -31.62 -49.99
C ILE B 102 -19.41 -31.35 -50.66
N PRO B 103 -18.57 -30.54 -49.99
CA PRO B 103 -17.24 -30.17 -50.46
C PRO B 103 -16.21 -31.31 -50.50
N GLU B 104 -15.96 -31.80 -51.71
CA GLU B 104 -15.02 -32.88 -51.97
C GLU B 104 -13.99 -33.19 -50.87
N ASP B 105 -13.11 -32.23 -50.59
CA ASP B 105 -12.07 -32.41 -49.57
C ASP B 105 -12.68 -33.06 -48.35
N TYR B 106 -13.60 -32.31 -47.73
CA TYR B 106 -14.31 -32.76 -46.55
C TYR B 106 -14.61 -34.25 -46.67
N LEU B 107 -15.43 -34.59 -47.65
CA LEU B 107 -15.79 -35.99 -47.86
C LEU B 107 -14.58 -36.93 -47.93
N LYS B 108 -13.43 -36.42 -48.33
CA LYS B 108 -12.24 -37.26 -48.39
C LYS B 108 -11.72 -37.42 -46.95
N ASP B 109 -11.52 -36.30 -46.25
CA ASP B 109 -11.05 -36.39 -44.88
C ASP B 109 -12.12 -37.10 -44.07
N LEU B 110 -13.32 -37.19 -44.64
CA LEU B 110 -14.45 -37.80 -43.97
C LEU B 110 -14.50 -39.32 -44.09
N LEU B 111 -14.34 -39.87 -45.29
CA LEU B 111 -14.40 -41.32 -45.47
C LEU B 111 -13.02 -41.91 -45.34
N GLU B 112 -12.01 -41.16 -45.75
CA GLU B 112 -10.65 -41.68 -45.72
C GLU B 112 -9.97 -41.75 -44.35
N ASN B 113 -10.11 -40.72 -43.51
CA ASN B 113 -9.42 -40.81 -42.22
C ASN B 113 -10.22 -40.46 -40.96
N MET B 114 -11.54 -40.48 -41.05
CA MET B 114 -12.42 -40.23 -39.90
C MET B 114 -13.42 -41.38 -39.93
N GLY B 115 -13.66 -42.00 -38.77
CA GLY B 115 -14.62 -43.11 -38.73
C GLY B 115 -14.04 -44.41 -39.23
N ASP B 116 -14.90 -45.28 -39.78
CA ASP B 116 -14.44 -46.57 -40.26
C ASP B 116 -13.69 -46.39 -41.56
N ASN B 117 -12.53 -45.74 -41.47
CA ASN B 117 -11.64 -45.45 -42.58
C ASN B 117 -11.83 -46.26 -43.84
N PHE B 118 -11.68 -45.60 -44.97
CA PHE B 118 -11.80 -46.25 -46.26
C PHE B 118 -10.39 -46.53 -46.70
N SER B 119 -10.24 -47.52 -47.58
CA SER B 119 -8.93 -47.85 -48.08
C SER B 119 -8.66 -46.86 -49.21
N LYS B 120 -7.38 -46.60 -49.46
CA LYS B 120 -7.04 -45.69 -50.55
C LYS B 120 -7.59 -46.38 -51.78
N GLU B 121 -7.84 -47.67 -51.62
CA GLU B 121 -8.39 -48.49 -52.68
C GLU B 121 -9.88 -48.30 -52.73
N GLU B 122 -10.50 -48.14 -51.56
CA GLU B 122 -11.95 -47.94 -51.51
C GLU B 122 -12.29 -46.52 -51.95
N ILE B 123 -11.38 -45.59 -51.69
CA ILE B 123 -11.56 -44.20 -52.07
C ILE B 123 -11.76 -44.08 -53.59
N LYS B 124 -10.85 -44.66 -54.38
CA LYS B 124 -10.98 -44.59 -55.84
C LYS B 124 -12.23 -45.30 -56.33
N ASN B 125 -12.45 -46.55 -55.89
CA ASN B 125 -13.65 -47.28 -56.29
C ASN B 125 -14.83 -46.32 -56.28
N VAL B 126 -14.65 -45.18 -55.63
CA VAL B 126 -15.68 -44.17 -55.53
C VAL B 126 -15.55 -42.94 -56.42
N TRP B 127 -14.34 -42.43 -56.63
CA TRP B 127 -14.20 -41.25 -57.47
C TRP B 127 -14.57 -41.57 -58.91
N LYS B 128 -14.11 -42.72 -59.39
CA LYS B 128 -14.40 -43.12 -60.77
C LYS B 128 -15.77 -42.60 -61.23
N ASP B 129 -16.83 -43.15 -60.65
CA ASP B 129 -18.19 -42.75 -60.97
C ASP B 129 -18.44 -41.32 -60.48
N ALA B 130 -18.67 -41.21 -59.17
CA ALA B 130 -18.92 -39.98 -58.45
C ALA B 130 -19.49 -38.79 -59.21
N PRO B 131 -20.62 -38.29 -58.73
CA PRO B 131 -21.29 -37.14 -59.33
C PRO B 131 -20.44 -36.03 -58.84
N LEU B 132 -19.94 -35.19 -59.71
CA LEU B 132 -19.08 -34.12 -59.25
C LEU B 132 -19.00 -32.97 -60.21
N LYS B 133 -18.39 -31.90 -59.71
CA LYS B 133 -18.17 -30.65 -60.42
C LYS B 133 -17.56 -29.76 -59.36
N ASN B 134 -17.30 -28.52 -59.74
CA ASN B 134 -16.75 -27.52 -58.87
C ASN B 134 -16.07 -28.04 -57.61
N LYS B 135 -15.32 -29.13 -57.72
CA LYS B 135 -14.62 -29.70 -56.57
C LYS B 135 -15.62 -29.80 -55.41
N GLN B 136 -16.87 -30.10 -55.75
CA GLN B 136 -17.97 -30.26 -54.79
C GLN B 136 -18.77 -31.48 -55.25
N PHE B 137 -19.13 -32.32 -54.28
CA PHE B 137 -19.86 -33.60 -54.46
C PHE B 137 -21.41 -33.48 -54.52
N ASN B 138 -22.08 -34.50 -55.08
CA ASN B 138 -23.55 -34.51 -55.21
C ASN B 138 -24.14 -35.68 -54.41
N TYR B 139 -24.94 -35.42 -53.37
CA TYR B 139 -25.47 -36.54 -52.58
C TYR B 139 -26.79 -37.18 -53.01
N ASN B 140 -27.82 -36.40 -53.31
CA ASN B 140 -29.08 -37.00 -53.75
C ASN B 140 -28.83 -37.73 -55.05
N LYS B 141 -27.65 -37.51 -55.61
CA LYS B 141 -27.25 -38.15 -56.84
C LYS B 141 -26.61 -39.48 -56.47
N MET B 142 -25.80 -39.47 -55.41
CA MET B 142 -25.16 -40.70 -54.99
C MET B 142 -26.18 -41.55 -54.28
N VAL B 143 -26.99 -40.94 -53.41
CA VAL B 143 -28.00 -41.74 -52.75
C VAL B 143 -28.73 -42.44 -53.89
N ASP B 144 -28.97 -41.68 -54.96
CA ASP B 144 -29.65 -42.25 -56.12
C ASP B 144 -28.94 -43.50 -56.64
N ILE B 145 -27.70 -43.37 -57.08
CA ILE B 145 -26.97 -44.52 -57.58
C ILE B 145 -27.21 -45.70 -56.63
N LYS B 146 -26.92 -45.50 -55.34
CA LYS B 146 -27.12 -46.56 -54.36
C LYS B 146 -28.22 -47.52 -54.76
N GLY B 147 -29.48 -47.10 -54.62
CA GLY B 147 -30.59 -47.96 -55.00
C GLY B 147 -30.37 -48.12 -56.49
N LYS B 148 -30.83 -47.12 -57.27
CA LYS B 148 -30.66 -47.01 -58.72
C LYS B 148 -31.89 -46.64 -59.50
N ALA B 149 -32.01 -45.34 -59.72
CA ALA B 149 -33.06 -44.69 -60.47
C ALA B 149 -32.32 -44.70 -61.80
N GLU B 150 -31.07 -44.21 -61.80
CA GLU B 150 -30.18 -44.23 -63.01
C GLU B 150 -29.49 -42.93 -63.35
N ASP B 151 -29.91 -42.36 -64.52
CA ASP B 151 -29.45 -41.00 -65.01
C ASP B 151 -28.31 -40.35 -64.11
N SER C 1 -9.01 -51.27 -9.17
CA SER C 1 -9.49 -49.96 -8.61
C SER C 1 -10.77 -49.34 -9.21
N GLN C 2 -11.80 -49.50 -8.40
CA GLN C 2 -13.20 -49.04 -8.48
C GLN C 2 -14.22 -48.56 -9.51
N LEU C 3 -13.91 -47.94 -10.64
CA LEU C 3 -15.04 -47.47 -11.44
C LEU C 3 -16.02 -48.62 -11.53
N THR C 4 -17.30 -48.38 -11.25
CA THR C 4 -18.30 -49.45 -11.31
C THR C 4 -18.50 -50.02 -12.71
N LYS C 5 -19.28 -51.10 -12.81
CA LYS C 5 -19.56 -51.69 -14.12
C LYS C 5 -20.20 -50.58 -14.95
N ASP C 6 -21.29 -49.99 -14.44
CA ASP C 6 -21.94 -48.90 -15.16
C ASP C 6 -21.01 -47.71 -15.43
N GLU C 7 -20.10 -47.42 -14.50
CA GLU C 7 -19.18 -46.32 -14.73
C GLU C 7 -18.40 -46.60 -15.98
N ILE C 8 -17.92 -47.84 -16.09
CA ILE C 8 -17.13 -48.26 -17.23
C ILE C 8 -17.97 -48.17 -18.50
N GLU C 9 -19.13 -48.84 -18.49
CA GLU C 9 -20.02 -48.82 -19.64
C GLU C 9 -20.14 -47.38 -20.15
N GLU C 10 -20.27 -46.43 -19.22
CA GLU C 10 -20.37 -45.02 -19.57
C GLU C 10 -19.08 -44.49 -20.19
N VAL C 11 -17.95 -44.79 -19.58
CA VAL C 11 -16.74 -44.25 -20.16
C VAL C 11 -16.65 -44.83 -21.56
N ARG C 12 -16.88 -46.14 -21.69
CA ARG C 12 -16.83 -46.81 -22.99
C ARG C 12 -17.63 -46.01 -24.02
N GLU C 13 -18.94 -45.89 -23.80
CA GLU C 13 -19.81 -45.14 -24.72
C GLU C 13 -19.11 -43.92 -25.29
N VAL C 14 -18.77 -42.98 -24.42
CA VAL C 14 -18.09 -41.78 -24.88
C VAL C 14 -16.79 -42.14 -25.61
N PHE C 15 -16.04 -43.05 -25.03
CA PHE C 15 -14.78 -43.44 -25.61
C PHE C 15 -14.95 -43.84 -27.07
N ASP C 16 -15.89 -44.76 -27.34
CA ASP C 16 -16.10 -45.23 -28.70
C ASP C 16 -16.36 -44.05 -29.63
N LEU C 17 -17.26 -43.16 -29.21
CA LEU C 17 -17.59 -42.02 -30.03
C LEU C 17 -16.33 -41.34 -30.51
N PHE C 18 -15.42 -41.11 -29.58
CA PHE C 18 -14.19 -40.46 -29.93
C PHE C 18 -13.32 -41.29 -30.83
N ASP C 19 -13.12 -42.58 -30.54
CA ASP C 19 -12.27 -43.33 -31.46
C ASP C 19 -13.01 -43.43 -32.79
N PHE C 20 -14.32 -43.32 -32.75
CA PHE C 20 -15.04 -43.36 -34.00
C PHE C 20 -14.57 -42.17 -34.84
N TRP C 21 -14.74 -40.94 -34.35
CA TRP C 21 -14.35 -39.77 -35.13
C TRP C 21 -12.91 -39.65 -35.53
N ASP C 22 -12.04 -40.49 -34.99
CA ASP C 22 -10.69 -40.39 -35.49
C ASP C 22 -10.25 -41.71 -36.14
N GLY C 23 -11.23 -42.59 -36.38
CA GLY C 23 -10.97 -43.84 -37.05
C GLY C 23 -11.06 -45.10 -36.20
N ARG C 24 -12.27 -45.59 -35.95
CA ARG C 24 -12.53 -46.79 -35.14
C ARG C 24 -11.39 -47.82 -35.16
N ASP C 25 -10.46 -47.64 -34.23
CA ASP C 25 -9.31 -48.51 -34.13
C ASP C 25 -8.97 -48.84 -32.70
N GLY C 26 -9.89 -48.59 -31.76
CA GLY C 26 -9.62 -48.89 -30.36
C GLY C 26 -8.79 -47.85 -29.63
N ASP C 27 -8.37 -46.79 -30.34
CA ASP C 27 -7.56 -45.74 -29.74
C ASP C 27 -8.15 -44.35 -29.90
N VAL C 28 -7.85 -43.48 -28.94
CA VAL C 28 -8.29 -42.08 -28.97
C VAL C 28 -7.02 -41.27 -28.80
N ASP C 29 -7.00 -40.07 -29.37
CA ASP C 29 -5.84 -39.20 -29.30
C ASP C 29 -5.75 -38.40 -28.01
N ALA C 30 -4.58 -38.41 -27.39
CA ALA C 30 -4.40 -37.68 -26.16
C ALA C 30 -4.99 -36.26 -26.24
N ALA C 31 -4.87 -35.62 -27.40
CA ALA C 31 -5.40 -34.27 -27.53
C ALA C 31 -6.82 -34.34 -27.05
N LYS C 32 -7.54 -35.37 -27.47
CA LYS C 32 -8.94 -35.50 -27.10
C LYS C 32 -9.25 -35.98 -25.67
N VAL C 33 -8.25 -36.13 -24.81
CA VAL C 33 -8.54 -36.59 -23.45
C VAL C 33 -9.32 -35.55 -22.65
N GLY C 34 -9.10 -34.27 -22.98
CA GLY C 34 -9.80 -33.21 -22.30
C GLY C 34 -11.26 -33.29 -22.71
N ASP C 35 -11.51 -33.15 -24.01
CA ASP C 35 -12.87 -33.23 -24.50
C ASP C 35 -13.59 -34.48 -23.99
N LEU C 36 -13.07 -35.66 -24.29
CA LEU C 36 -13.66 -36.90 -23.80
C LEU C 36 -14.07 -36.69 -22.34
N LEU C 37 -13.10 -36.35 -21.49
CA LEU C 37 -13.40 -36.12 -20.09
C LEU C 37 -14.59 -35.18 -19.89
N ARG C 38 -14.67 -34.15 -20.72
CA ARG C 38 -15.77 -33.20 -20.61
C ARG C 38 -17.08 -33.87 -20.98
N CYS C 39 -17.01 -34.83 -21.89
CA CYS C 39 -18.22 -35.51 -22.29
C CYS C 39 -18.71 -36.52 -21.27
N LEU C 40 -17.85 -36.94 -20.36
CA LEU C 40 -18.30 -37.87 -19.35
C LEU C 40 -19.08 -37.05 -18.35
N GLY C 41 -18.78 -35.76 -18.30
CA GLY C 41 -19.52 -34.88 -17.40
C GLY C 41 -18.62 -34.05 -16.51
N MET C 42 -17.31 -34.18 -16.70
CA MET C 42 -16.35 -33.43 -15.90
C MET C 42 -16.01 -32.07 -16.51
N ASN C 43 -15.29 -31.25 -15.74
CA ASN C 43 -14.87 -29.91 -16.16
C ASN C 43 -13.44 -29.69 -15.72
N PRO C 44 -12.49 -30.22 -16.50
CA PRO C 44 -11.09 -30.06 -16.14
C PRO C 44 -10.41 -28.83 -16.72
N THR C 45 -9.43 -28.34 -15.98
CA THR C 45 -8.64 -27.19 -16.40
C THR C 45 -7.53 -27.77 -17.22
N GLU C 46 -6.95 -26.96 -18.09
CA GLU C 46 -5.84 -27.44 -18.92
C GLU C 46 -4.70 -27.98 -18.03
N ALA C 47 -4.32 -27.29 -16.96
CA ALA C 47 -3.23 -27.85 -16.16
C ALA C 47 -3.65 -29.29 -15.81
N GLN C 48 -4.84 -29.47 -15.22
CA GLN C 48 -5.35 -30.81 -14.86
C GLN C 48 -5.15 -31.81 -16.00
N VAL C 49 -5.62 -31.47 -17.20
CA VAL C 49 -5.50 -32.36 -18.34
C VAL C 49 -4.05 -32.67 -18.73
N HIS C 50 -3.15 -31.69 -18.70
CA HIS C 50 -1.77 -31.99 -19.03
C HIS C 50 -1.13 -32.88 -17.98
N GLN C 51 -1.38 -32.59 -16.71
CA GLN C 51 -0.81 -33.40 -15.65
C GLN C 51 -1.34 -34.84 -15.69
N HIS C 52 -2.34 -35.11 -16.54
CA HIS C 52 -2.90 -36.45 -16.65
C HIS C 52 -2.84 -37.12 -18.03
N GLY C 53 -1.96 -36.65 -18.91
CA GLY C 53 -1.83 -37.31 -20.20
C GLY C 53 -2.12 -36.52 -21.47
N GLY C 54 -3.03 -35.56 -21.41
CA GLY C 54 -3.37 -34.78 -22.59
C GLY C 54 -2.17 -34.20 -23.33
N THR C 55 -2.05 -34.47 -24.62
CA THR C 55 -0.95 -33.90 -25.39
C THR C 55 -1.57 -32.74 -26.10
N LYS C 56 -0.79 -31.84 -26.70
CA LYS C 56 -1.40 -30.71 -27.36
C LYS C 56 -1.68 -31.05 -28.81
N LYS C 57 -0.66 -31.38 -29.58
CA LYS C 57 -0.95 -31.76 -30.97
C LYS C 57 -1.62 -33.13 -31.24
N MET C 58 -1.70 -33.49 -32.52
CA MET C 58 -2.41 -34.71 -32.91
C MET C 58 -1.80 -36.07 -33.27
N GLY C 59 -0.52 -36.17 -33.56
CA GLY C 59 -0.01 -37.48 -33.93
C GLY C 59 0.69 -38.19 -32.79
N GLU C 60 1.05 -37.36 -31.83
CA GLU C 60 1.78 -37.74 -30.64
C GLU C 60 1.51 -39.05 -29.95
N LYS C 61 0.45 -39.10 -29.16
CA LYS C 61 0.12 -40.30 -28.39
C LYS C 61 -1.34 -40.73 -28.48
N ALA C 62 -1.59 -42.01 -28.20
CA ALA C 62 -2.94 -42.57 -28.22
C ALA C 62 -3.21 -43.37 -26.93
N TYR C 63 -4.49 -43.62 -26.64
CA TYR C 63 -4.89 -44.36 -25.45
C TYR C 63 -6.00 -45.34 -25.76
N LYS C 64 -5.88 -46.54 -25.20
CA LYS C 64 -6.87 -47.62 -25.33
C LYS C 64 -7.93 -47.22 -24.33
N LEU C 65 -8.95 -48.04 -24.16
CA LEU C 65 -9.96 -47.68 -23.20
C LEU C 65 -9.46 -47.92 -21.79
N GLU C 66 -8.75 -49.03 -21.60
CA GLU C 66 -8.26 -49.36 -20.28
C GLU C 66 -7.20 -48.40 -19.76
N GLU C 67 -6.71 -47.49 -20.61
CA GLU C 67 -5.73 -46.52 -20.16
C GLU C 67 -6.43 -45.23 -19.74
N ILE C 68 -7.49 -44.89 -20.46
CA ILE C 68 -8.29 -43.71 -20.16
C ILE C 68 -9.08 -43.87 -18.86
N LEU C 69 -9.62 -45.06 -18.61
CA LEU C 69 -10.38 -45.32 -17.39
C LEU C 69 -9.64 -44.84 -16.14
N PRO C 70 -8.37 -45.22 -15.97
CA PRO C 70 -7.73 -44.75 -14.75
C PRO C 70 -7.48 -43.25 -14.78
N ILE C 71 -7.41 -42.66 -15.97
CA ILE C 71 -7.21 -41.23 -16.03
C ILE C 71 -8.51 -40.68 -15.47
N TYR C 72 -9.61 -41.09 -16.07
CA TYR C 72 -10.90 -40.63 -15.62
C TYR C 72 -11.04 -40.69 -14.11
N GLU C 73 -10.55 -41.75 -13.48
CA GLU C 73 -10.75 -41.78 -12.06
C GLU C 73 -9.74 -41.07 -11.23
N GLU C 74 -8.53 -40.82 -11.74
CA GLU C 74 -7.56 -40.07 -10.95
C GLU C 74 -8.19 -38.69 -11.00
N MET C 75 -8.38 -38.23 -12.22
CA MET C 75 -8.98 -36.94 -12.51
C MET C 75 -10.18 -36.73 -11.60
N SER C 76 -10.99 -37.77 -11.45
CA SER C 76 -12.15 -37.67 -10.59
C SER C 76 -11.78 -37.73 -9.10
N SER C 77 -10.49 -37.72 -8.78
CA SER C 77 -10.18 -37.79 -7.38
C SER C 77 -10.11 -36.39 -6.81
N LYS C 78 -10.16 -35.38 -7.68
CA LYS C 78 -10.05 -33.99 -7.22
C LYS C 78 -11.39 -33.58 -6.64
N ASP C 79 -11.46 -32.42 -5.98
CA ASP C 79 -12.72 -31.97 -5.40
C ASP C 79 -12.95 -30.45 -5.39
N THR C 80 -11.98 -29.71 -5.90
CA THR C 80 -12.14 -28.29 -6.01
C THR C 80 -12.30 -28.27 -7.50
N GLY C 81 -13.40 -28.90 -7.96
CA GLY C 81 -13.70 -28.95 -9.38
C GLY C 81 -14.43 -27.64 -9.61
N THR C 82 -14.97 -27.13 -8.51
CA THR C 82 -15.66 -25.85 -8.38
C THR C 82 -17.15 -25.70 -8.31
N ALA C 83 -17.54 -25.01 -7.24
CA ALA C 83 -18.92 -24.71 -6.85
C ALA C 83 -19.43 -23.34 -7.27
N ALA C 84 -20.64 -23.02 -6.80
CA ALA C 84 -21.25 -21.73 -7.09
C ALA C 84 -20.55 -20.74 -6.19
N ASP C 85 -20.54 -21.04 -4.89
CA ASP C 85 -19.90 -20.20 -3.89
C ASP C 85 -18.58 -19.73 -4.52
N GLU C 86 -17.80 -20.69 -4.99
CA GLU C 86 -16.52 -20.34 -5.59
C GLU C 86 -16.64 -19.41 -6.80
N PHE C 87 -17.68 -19.57 -7.61
CA PHE C 87 -17.85 -18.72 -8.77
C PHE C 87 -18.50 -17.38 -8.45
N MET C 88 -19.26 -17.33 -7.37
CA MET C 88 -19.94 -16.11 -6.95
C MET C 88 -18.98 -15.11 -6.30
N GLU C 89 -18.22 -15.57 -5.31
CA GLU C 89 -17.25 -14.73 -4.60
C GLU C 89 -16.26 -14.12 -5.55
N ALA C 90 -16.02 -14.82 -6.65
CA ALA C 90 -15.07 -14.36 -7.66
C ALA C 90 -15.69 -13.38 -8.63
N PHE C 91 -16.97 -13.49 -8.89
CA PHE C 91 -17.52 -12.51 -9.80
C PHE C 91 -17.66 -11.21 -9.04
N LYS C 92 -18.07 -11.32 -7.79
CA LYS C 92 -18.26 -10.13 -6.96
C LYS C 92 -17.03 -9.22 -6.99
N THR C 93 -15.84 -9.81 -6.99
CA THR C 93 -14.60 -9.05 -7.00
C THR C 93 -14.72 -7.93 -8.01
N PHE C 94 -15.46 -8.22 -9.08
CA PHE C 94 -15.65 -7.25 -10.14
C PHE C 94 -16.91 -6.41 -10.06
N ASP C 95 -17.91 -6.87 -9.31
CA ASP C 95 -19.15 -6.11 -9.22
C ASP C 95 -18.91 -4.78 -8.54
N ARG C 96 -18.64 -3.76 -9.35
CA ARG C 96 -18.33 -2.43 -8.86
C ARG C 96 -19.34 -1.81 -7.92
N GLU C 97 -20.61 -1.77 -8.30
CA GLU C 97 -21.60 -1.13 -7.45
C GLU C 97 -22.48 -2.00 -6.57
N GLY C 98 -22.25 -3.31 -6.58
CA GLY C 98 -23.00 -4.18 -5.70
C GLY C 98 -24.40 -4.67 -6.01
N GLN C 99 -24.69 -5.04 -7.25
CA GLN C 99 -26.02 -5.55 -7.56
C GLN C 99 -25.95 -6.97 -8.12
N GLY C 100 -24.94 -7.23 -8.92
CA GLY C 100 -24.79 -8.54 -9.51
C GLY C 100 -24.72 -8.33 -10.99
N LEU C 101 -24.44 -7.09 -11.37
CA LEU C 101 -24.33 -6.73 -12.76
C LEU C 101 -22.88 -6.41 -12.99
N ILE C 102 -22.39 -6.72 -14.18
CA ILE C 102 -21.00 -6.46 -14.54
C ILE C 102 -20.91 -6.15 -16.00
N SER C 103 -20.20 -5.09 -16.36
CA SER C 103 -20.06 -4.78 -17.77
C SER C 103 -19.70 -6.07 -18.48
N SER C 104 -20.10 -6.23 -19.74
CA SER C 104 -19.74 -7.44 -20.43
C SER C 104 -18.34 -7.27 -20.97
N ALA C 105 -17.99 -6.03 -21.34
CA ALA C 105 -16.64 -5.81 -21.82
C ALA C 105 -15.72 -6.37 -20.74
N GLU C 106 -16.18 -6.29 -19.50
CA GLU C 106 -15.39 -6.78 -18.39
C GLU C 106 -15.43 -8.28 -18.17
N ILE C 107 -16.61 -8.88 -18.15
CA ILE C 107 -16.65 -10.32 -17.93
C ILE C 107 -15.82 -10.96 -19.04
N ARG C 108 -16.02 -10.48 -20.27
CA ARG C 108 -15.26 -10.98 -21.40
C ARG C 108 -13.76 -10.75 -21.21
N ASN C 109 -13.40 -9.59 -20.65
CA ASN C 109 -12.00 -9.28 -20.43
C ASN C 109 -11.51 -10.36 -19.49
N VAL C 110 -12.26 -10.62 -18.42
CA VAL C 110 -11.84 -11.68 -17.50
C VAL C 110 -11.62 -12.97 -18.27
N LEU C 111 -12.70 -13.46 -18.89
CA LEU C 111 -12.65 -14.69 -19.64
C LEU C 111 -11.65 -14.76 -20.80
N LYS C 112 -11.35 -13.66 -21.46
CA LYS C 112 -10.39 -13.75 -22.56
C LYS C 112 -8.96 -13.43 -22.14
N MET C 113 -8.82 -12.43 -21.27
CA MET C 113 -7.51 -11.97 -20.80
C MET C 113 -6.92 -12.75 -19.63
N LEU C 114 -7.74 -13.13 -18.67
CA LEU C 114 -7.21 -13.85 -17.51
C LEU C 114 -7.50 -15.34 -17.41
N GLY C 115 -6.77 -16.00 -16.51
CA GLY C 115 -6.92 -17.43 -16.31
C GLY C 115 -6.48 -18.13 -17.58
N GLU C 116 -6.88 -19.40 -17.74
CA GLU C 116 -6.55 -20.09 -18.97
C GLU C 116 -7.41 -19.31 -19.96
N ARG C 117 -6.75 -18.45 -20.73
CA ARG C 117 -7.43 -17.62 -21.70
C ARG C 117 -8.52 -18.38 -22.42
N ILE C 118 -9.54 -17.65 -22.84
CA ILE C 118 -10.63 -18.26 -23.61
C ILE C 118 -10.69 -17.50 -24.90
N THR C 119 -11.00 -18.22 -25.95
CA THR C 119 -11.09 -17.64 -27.26
C THR C 119 -12.21 -16.59 -27.44
N GLU C 120 -12.04 -15.73 -28.44
CA GLU C 120 -13.02 -14.72 -28.77
C GLU C 120 -14.28 -15.48 -29.14
N ASP C 121 -14.10 -16.44 -30.04
CA ASP C 121 -15.15 -17.29 -30.55
C ASP C 121 -15.86 -17.95 -29.34
N GLN C 122 -15.09 -18.66 -28.52
CA GLN C 122 -15.63 -19.33 -27.35
C GLN C 122 -16.47 -18.42 -26.46
N CYS C 123 -16.09 -17.16 -26.35
CA CYS C 123 -16.85 -16.24 -25.51
C CYS C 123 -18.20 -15.94 -26.14
N ASN C 124 -18.16 -15.61 -27.43
CA ASN C 124 -19.40 -15.31 -28.10
C ASN C 124 -20.35 -16.48 -27.98
N ASP C 125 -19.83 -17.67 -28.22
CA ASP C 125 -20.67 -18.85 -28.16
C ASP C 125 -21.31 -19.09 -26.80
N ILE C 126 -20.50 -19.23 -25.75
CA ILE C 126 -21.11 -19.47 -24.46
C ILE C 126 -22.14 -18.42 -24.14
N PHE C 127 -21.90 -17.21 -24.65
CA PHE C 127 -22.81 -16.12 -24.38
C PHE C 127 -24.09 -16.15 -25.19
N THR C 128 -24.02 -16.73 -26.39
CA THR C 128 -25.23 -16.80 -27.20
C THR C 128 -26.05 -18.00 -26.75
N PHE C 129 -25.35 -19.07 -26.37
CA PHE C 129 -25.98 -20.31 -25.95
C PHE C 129 -26.68 -20.27 -24.60
N CYS C 130 -26.31 -19.32 -23.74
CA CYS C 130 -26.95 -19.31 -22.44
C CYS C 130 -28.14 -18.38 -22.36
N ASP C 131 -28.24 -17.45 -23.31
CA ASP C 131 -29.33 -16.48 -23.37
C ASP C 131 -29.06 -15.47 -22.30
N ILE C 132 -27.91 -14.85 -22.46
CA ILE C 132 -27.50 -13.85 -21.53
C ILE C 132 -27.32 -12.58 -22.32
N ARG C 133 -28.13 -11.60 -21.97
CA ARG C 133 -28.17 -10.30 -22.65
C ARG C 133 -27.73 -9.17 -21.77
N GLU C 134 -27.30 -8.09 -22.42
CA GLU C 134 -26.89 -6.88 -21.74
C GLU C 134 -28.03 -5.95 -22.02
N ASP C 135 -28.27 -4.95 -21.18
CA ASP C 135 -29.36 -4.02 -21.41
C ASP C 135 -28.77 -2.64 -21.32
N ILE C 136 -29.26 -1.72 -22.17
CA ILE C 136 -28.80 -0.32 -22.20
C ILE C 136 -27.52 -0.35 -21.40
N ASP C 137 -27.44 0.35 -20.30
CA ASP C 137 -26.26 0.11 -19.54
C ASP C 137 -26.53 -0.29 -18.12
N GLY C 138 -26.92 -1.56 -18.09
CA GLY C 138 -27.20 -2.38 -16.94
C GLY C 138 -26.59 -3.53 -17.71
N ASN C 139 -25.27 -3.57 -17.63
CA ASN C 139 -24.47 -4.55 -18.35
C ASN C 139 -24.95 -6.02 -18.40
N ILE C 140 -24.27 -6.95 -17.71
CA ILE C 140 -24.69 -8.38 -17.75
C ILE C 140 -24.88 -9.00 -16.39
N LYS C 141 -25.90 -9.84 -16.23
CA LYS C 141 -26.11 -10.48 -14.91
C LYS C 141 -25.06 -11.56 -14.76
N TYR C 142 -24.22 -11.53 -13.72
CA TYR C 142 -23.21 -12.56 -13.68
C TYR C 142 -23.72 -13.85 -13.12
N GLU C 143 -24.78 -13.78 -12.33
CA GLU C 143 -25.33 -15.02 -11.79
C GLU C 143 -26.06 -15.80 -12.91
N ASP C 144 -26.83 -15.06 -13.71
CA ASP C 144 -27.59 -15.62 -14.84
C ASP C 144 -26.59 -16.54 -15.50
N LEU C 145 -25.52 -15.93 -15.99
CA LEU C 145 -24.44 -16.62 -16.67
C LEU C 145 -23.88 -17.81 -15.90
N MET C 146 -23.84 -17.71 -14.58
CA MET C 146 -23.30 -18.79 -13.80
C MET C 146 -24.24 -19.97 -13.84
N LYS C 147 -25.48 -19.75 -13.44
CA LYS C 147 -26.49 -20.80 -13.42
C LYS C 147 -26.60 -21.56 -14.74
N LYS C 148 -26.66 -20.81 -15.83
CA LYS C 148 -26.79 -21.45 -17.13
C LYS C 148 -25.55 -22.19 -17.55
N VAL C 149 -24.40 -21.56 -17.46
CA VAL C 149 -23.18 -22.27 -17.84
C VAL C 149 -23.12 -23.56 -17.04
N MET C 150 -23.35 -23.49 -15.73
CA MET C 150 -23.33 -24.68 -14.90
C MET C 150 -24.53 -25.62 -15.10
N ALA C 151 -25.47 -25.30 -15.98
CA ALA C 151 -26.66 -26.15 -16.17
C ALA C 151 -26.62 -27.06 -17.41
N GLY C 152 -25.65 -26.83 -18.28
CA GLY C 152 -25.57 -27.71 -19.43
C GLY C 152 -26.33 -27.26 -20.64
N PRO C 153 -25.81 -27.61 -21.83
CA PRO C 153 -26.44 -27.23 -23.10
C PRO C 153 -27.83 -27.77 -23.22
N PHE C 154 -28.00 -28.96 -22.68
CA PHE C 154 -29.27 -29.60 -22.69
C PHE C 154 -29.87 -29.55 -21.34
N PRO C 155 -30.47 -28.40 -21.02
CA PRO C 155 -31.14 -28.13 -19.75
C PRO C 155 -31.99 -29.33 -19.30
N ASP C 156 -33.23 -29.35 -19.78
CA ASP C 156 -34.20 -30.39 -19.43
C ASP C 156 -33.88 -31.85 -19.73
S SO4 D . 9.02 26.62 8.44
O1 SO4 D . 7.64 26.31 8.81
O2 SO4 D . 9.95 25.92 9.35
O3 SO4 D . 9.24 26.21 7.05
O4 SO4 D . 9.23 28.07 8.55
CA CA E . -9.86 -44.48 -33.39
#